data_1FMD
#
_entry.id   1FMD
#
_cell.length_a   347.600
_cell.length_b   347.600
_cell.length_c   347.600
_cell.angle_alpha   90.00
_cell.angle_beta   90.00
_cell.angle_gamma   90.00
#
_symmetry.space_group_name_H-M   'I 2 3'
#
loop_
_entity.id
_entity.type
_entity.pdbx_description
1 polymer 'FOOT-AND-MOUTH DISEASE VIRUS (SUBUNIT VP1)'
2 polymer 'FOOT-AND-MOUTH DISEASE VIRUS (SUBUNIT VP2)'
3 polymer 'FOOT-AND-MOUTH DISEASE VIRUS (SUBUNIT VP3)'
4 polymer 'FOOT-AND-MOUTH DISEASE VIRUS (SUBUNIT VP4)'
#
loop_
_entity_poly.entity_id
_entity_poly.type
_entity_poly.pdbx_seq_one_letter_code
_entity_poly.pdbx_strand_id
1 'polypeptide(L)'
;TTTTGESADPVTTTVENYGGETQVQRRHHTDVAFVLDRFVKVTVSDNQHTLDVMQAHKDNIVGALLRAATYYFSDLEIAV
THTGKLTWVPNGAPVSALNNTTNPTAYHKGPVTRLALPYTAPHRVLATAYTGTTTYTASARGDLAHLTTTHAAHLPTSFN
FGAVKAETITELLVRMKRAELYCPRPILPIQPTGDRHKQPLVAPAKQL
;
1
2 'polypeptide(L)'
;DKKTEETTLLEDRILTTRNGHTTSTTQSSVGVTFGYATAEDSTSGPNTSALETRVHQAERFFKMALFDWVPSQNFGHMHK
VVLPHEPKGVYGGLVKSYAYMRNGWDVEVTAVGNQFNGGCLLVALVPEMGDISDREKYQLTLYPHQFINPRTNMTAHITV
PYVGVNRYDQYKQHRPWTLVVMVVAPLTTNTAGAQQIKVYANIAPTNVHVAGELPSKE
;
2
3 'polypeptide(L)'
;GIFPVACSDGYGNMVTTDPKTADPAYGKVYNPPRTALPGRFTNYLDVAEACPTFLMFENVPYVSTRTDGQRLLAKFDVSL
AAKHMSNTYLAGLAQYYTQYTGTINLHFMFTGPTDAKARYMVAYVPPGMDAPDNPEEAAHCIHAEWDTGLNSKFTFSIPY
ISAADYTYTASHEAETTCVQGWVCVYQITHGKADADALVVSASAGKDFELRLPVDARQQ
;
3
4 'polypeptide(L)'
;GAGQSSPATGSQNQSGNTGSIINNYYMQQYQNSMDTQLGDNAISGGSNEGSTDTTSTHTTNTQNNDWFSKLASSAFSGLF
GALLA
;
4
#
# COMPACT_ATOMS: atom_id res chain seq x y z
N THR A 1 -6.95 -13.44 39.44
CA THR A 1 -7.70 -13.24 38.17
C THR A 1 -7.31 -14.29 37.17
N THR A 2 -8.12 -15.33 37.16
CA THR A 2 -7.93 -16.43 36.28
C THR A 2 -8.71 -16.13 34.99
N THR A 3 -8.17 -16.54 33.86
CA THR A 3 -8.78 -16.26 32.58
C THR A 3 -8.54 -17.49 31.72
N THR A 4 -9.23 -17.58 30.61
CA THR A 4 -8.94 -18.70 29.74
C THR A 4 -7.81 -18.08 28.92
N GLY A 5 -6.58 -18.54 29.16
CA GLY A 5 -5.42 -17.98 28.48
C GLY A 5 -5.36 -18.06 26.96
N GLU A 6 -5.86 -19.16 26.44
CA GLU A 6 -5.87 -19.42 25.01
C GLU A 6 -6.59 -18.35 24.21
N SER A 7 -7.63 -17.77 24.81
CA SER A 7 -8.46 -16.74 24.17
C SER A 7 -7.76 -15.64 23.37
N ALA A 8 -6.66 -15.13 23.90
CA ALA A 8 -5.90 -14.05 23.27
C ALA A 8 -6.56 -12.68 23.53
N ASP A 9 -7.64 -12.68 24.30
CA ASP A 9 -8.35 -11.45 24.64
C ASP A 9 -7.55 -10.81 25.76
N PRO A 10 -7.27 -9.51 25.64
CA PRO A 10 -6.49 -8.74 26.61
C PRO A 10 -7.03 -8.81 28.01
N VAL A 11 -6.10 -8.79 28.97
CA VAL A 11 -6.41 -8.84 30.38
C VAL A 11 -5.44 -7.88 31.04
N THR A 12 -5.94 -7.06 31.96
CA THR A 12 -5.08 -6.10 32.64
C THR A 12 -5.58 -6.01 34.05
N THR A 13 -4.89 -6.60 35.01
CA THR A 13 -5.36 -6.46 36.39
C THR A 13 -4.84 -5.16 36.98
N THR A 14 -5.12 -4.93 38.26
CA THR A 14 -4.66 -3.74 38.96
C THR A 14 -4.30 -4.00 40.39
N VAL A 15 -3.52 -3.09 40.95
CA VAL A 15 -3.10 -3.21 42.33
C VAL A 15 -4.32 -3.28 43.25
N GLU A 16 -5.47 -2.87 42.74
CA GLU A 16 -6.69 -2.89 43.52
C GLU A 16 -7.03 -4.29 43.97
N ASN A 17 -6.67 -5.27 43.17
CA ASN A 17 -6.94 -6.67 43.49
C ASN A 17 -6.51 -7.06 44.88
N TYR A 18 -5.35 -6.58 45.32
CA TYR A 18 -4.88 -6.89 46.68
C TYR A 18 -5.05 -5.76 47.66
N GLY A 19 -5.55 -4.62 47.18
CA GLY A 19 -5.78 -3.51 48.09
C GLY A 19 -5.09 -2.23 47.75
N GLY A 20 -4.36 -2.23 46.64
CA GLY A 20 -3.66 -1.03 46.22
C GLY A 20 -4.57 -0.04 45.55
N GLU A 21 -4.00 1.02 45.01
CA GLU A 21 -4.80 2.01 44.35
C GLU A 21 -4.12 2.59 43.10
N THR A 22 -4.54 2.06 41.95
CA THR A 22 -4.04 2.51 40.65
C THR A 22 -4.12 4.02 40.52
N GLN A 23 -3.04 4.63 40.02
CA GLN A 23 -2.95 6.09 39.88
C GLN A 23 -3.16 6.62 38.47
N VAL A 24 -2.70 7.85 38.24
CA VAL A 24 -2.83 8.47 36.92
C VAL A 24 -1.56 8.45 36.10
N GLN A 25 -1.73 8.54 34.78
CA GLN A 25 -0.59 8.54 33.87
C GLN A 25 -0.76 9.63 32.86
N ARG A 26 0.34 9.96 32.21
CA ARG A 26 0.39 10.98 31.19
C ARG A 26 1.37 10.46 30.16
N ARG A 27 0.88 9.55 29.35
CA ARG A 27 1.72 8.93 28.36
C ARG A 27 1.91 9.82 27.12
N HIS A 28 2.18 11.11 27.35
CA HIS A 28 2.36 12.07 26.24
C HIS A 28 3.56 11.65 25.46
N HIS A 29 4.59 11.31 26.23
CA HIS A 29 5.85 10.90 25.68
C HIS A 29 5.84 9.62 24.88
N THR A 30 4.88 8.75 25.15
CA THR A 30 4.82 7.51 24.43
C THR A 30 3.80 7.61 23.28
N ASP A 31 3.53 8.85 22.87
CA ASP A 31 2.59 9.11 21.78
C ASP A 31 3.29 9.05 20.43
N VAL A 32 2.77 8.20 19.53
CA VAL A 32 3.35 8.03 18.20
C VAL A 32 3.75 9.33 17.49
N ALA A 33 2.74 10.10 17.10
CA ALA A 33 2.94 11.37 16.42
C ALA A 33 4.05 12.20 17.02
N PHE A 34 4.11 12.17 18.35
CA PHE A 34 5.08 12.91 19.10
C PHE A 34 6.49 12.40 19.08
N VAL A 35 6.72 11.15 19.52
CA VAL A 35 8.08 10.60 19.51
C VAL A 35 8.76 10.71 18.16
N LEU A 36 8.10 10.25 17.09
CA LEU A 36 8.69 10.32 15.78
C LEU A 36 8.92 11.77 15.24
N ASP A 37 8.28 12.77 15.85
CA ASP A 37 8.41 14.15 15.39
C ASP A 37 9.70 14.83 15.85
N ARG A 38 10.83 14.29 15.38
CA ARG A 38 12.17 14.84 15.65
C ARG A 38 13.14 14.42 14.53
N PHE A 39 14.25 15.15 14.45
CA PHE A 39 15.26 14.89 13.44
C PHE A 39 16.15 13.69 13.73
N VAL A 40 16.56 13.02 12.67
CA VAL A 40 17.40 11.86 12.77
C VAL A 40 18.40 11.92 11.63
N LYS A 41 19.66 11.64 11.94
CA LYS A 41 20.70 11.66 10.93
C LYS A 41 20.53 10.43 10.03
N VAL A 42 20.78 10.63 8.75
CA VAL A 42 20.69 9.55 7.80
C VAL A 42 22.05 9.59 7.07
N THR A 43 22.68 8.41 6.92
CA THR A 43 23.99 8.31 6.28
C THR A 43 23.95 8.52 4.78
N VAL A 44 24.40 9.71 4.37
CA VAL A 44 24.45 10.07 2.97
C VAL A 44 25.83 9.64 2.48
N SER A 45 25.89 9.11 1.26
CA SER A 45 27.16 8.64 0.73
C SER A 45 27.65 9.36 -0.51
N ASP A 46 26.73 9.89 -1.29
CA ASP A 46 27.13 10.58 -2.49
C ASP A 46 26.83 12.05 -2.29
N ASN A 47 26.73 12.79 -3.39
CA ASN A 47 26.37 14.20 -3.33
C ASN A 47 24.91 14.26 -3.83
N GLN A 48 24.29 13.09 -3.97
CA GLN A 48 22.89 12.99 -4.36
C GLN A 48 22.36 11.81 -3.55
N HIS A 49 21.14 11.92 -3.05
CA HIS A 49 20.58 10.93 -2.15
C HIS A 49 19.05 10.84 -2.18
N THR A 50 18.52 9.64 -2.35
CA THR A 50 17.09 9.42 -2.36
C THR A 50 16.61 9.47 -0.92
N LEU A 51 15.53 10.22 -0.64
CA LEU A 51 14.97 10.36 0.72
C LEU A 51 14.15 9.15 1.13
N ASP A 52 14.60 8.45 2.16
CA ASP A 52 13.89 7.25 2.59
C ASP A 52 14.08 7.12 4.08
N VAL A 53 12.96 6.99 4.78
CA VAL A 53 12.97 6.89 6.24
C VAL A 53 13.48 5.59 6.81
N MET A 54 13.54 4.56 5.98
CA MET A 54 14.02 3.27 6.43
C MET A 54 15.53 3.35 6.66
N GLN A 55 16.15 4.43 6.19
CA GLN A 55 17.58 4.61 6.33
C GLN A 55 18.02 5.13 7.65
N ALA A 56 17.10 5.34 8.57
CA ALA A 56 17.49 5.81 9.89
C ALA A 56 18.07 4.56 10.55
N HIS A 57 18.94 4.75 11.53
CA HIS A 57 19.52 3.58 12.18
C HIS A 57 18.45 2.75 12.91
N LYS A 58 18.49 1.44 12.69
CA LYS A 58 17.51 0.53 13.28
C LYS A 58 17.50 0.48 14.80
N ASP A 59 18.48 1.11 15.44
CA ASP A 59 18.51 1.12 16.88
C ASP A 59 18.35 2.55 17.40
N ASN A 60 18.12 3.46 16.47
CA ASN A 60 17.93 4.85 16.82
C ASN A 60 16.46 4.97 17.11
N ILE A 61 16.15 5.67 18.19
CA ILE A 61 14.78 5.91 18.64
C ILE A 61 13.74 5.98 17.51
N VAL A 62 13.93 6.91 16.58
CA VAL A 62 13.02 7.09 15.48
C VAL A 62 12.93 5.84 14.59
N GLY A 63 14.08 5.36 14.12
CA GLY A 63 14.11 4.17 13.27
C GLY A 63 13.66 2.90 13.96
N ALA A 64 13.96 2.80 15.24
CA ALA A 64 13.59 1.65 16.03
C ALA A 64 12.07 1.64 16.16
N LEU A 65 11.53 2.82 16.46
CA LEU A 65 10.11 3.04 16.65
C LEU A 65 9.31 3.01 15.37
N LEU A 66 9.91 3.48 14.28
CA LEU A 66 9.24 3.43 12.99
C LEU A 66 9.10 1.95 12.62
N ARG A 67 10.18 1.20 12.80
CA ARG A 67 10.19 -0.23 12.51
C ARG A 67 9.31 -1.09 13.44
N ALA A 68 8.74 -0.43 14.44
CA ALA A 68 7.87 -1.08 15.43
C ALA A 68 6.42 -1.06 14.91
N ALA A 69 6.29 -0.66 13.64
CA ALA A 69 5.03 -0.59 12.91
C ALA A 69 5.28 -1.18 11.53
N THR A 70 4.23 -1.68 10.88
CA THR A 70 4.42 -2.26 9.57
C THR A 70 4.05 -1.33 8.42
N TYR A 71 3.07 -0.43 8.64
CA TYR A 71 2.65 0.53 7.62
C TYR A 71 2.64 1.90 8.25
N TYR A 72 3.04 2.90 7.48
CA TYR A 72 3.11 4.25 8.01
C TYR A 72 2.83 5.33 6.98
N PHE A 73 2.42 6.49 7.47
CA PHE A 73 2.19 7.69 6.65
C PHE A 73 2.77 8.88 7.38
N SER A 74 3.30 9.84 6.63
CA SER A 74 3.79 11.07 7.24
C SER A 74 4.32 12.06 6.22
N ASP A 75 4.41 13.30 6.65
CA ASP A 75 4.98 14.33 5.79
C ASP A 75 6.42 14.42 6.28
N LEU A 76 7.24 15.14 5.52
CA LEU A 76 8.64 15.25 5.87
C LEU A 76 9.14 16.65 6.04
N GLU A 77 10.20 16.76 6.82
CA GLU A 77 10.86 18.01 7.05
C GLU A 77 12.30 17.52 6.92
N ILE A 78 13.17 18.28 6.27
CA ILE A 78 14.58 17.88 6.12
C ILE A 78 15.54 19.01 6.47
N ALA A 79 16.70 18.63 6.99
CA ALA A 79 17.76 19.58 7.35
C ALA A 79 19.06 19.06 6.73
N VAL A 80 19.53 19.75 5.70
CA VAL A 80 20.73 19.38 4.97
C VAL A 80 21.85 20.40 5.15
N THR A 81 23.06 19.90 5.41
CA THR A 81 24.23 20.77 5.50
C THR A 81 24.82 20.42 4.15
N HIS A 82 24.81 21.39 3.24
CA HIS A 82 25.27 21.17 1.87
C HIS A 82 26.03 22.35 1.33
N THR A 83 26.47 22.24 0.07
CA THR A 83 27.17 23.32 -0.62
C THR A 83 26.56 23.53 -1.99
N GLY A 84 26.56 24.79 -2.44
CA GLY A 84 25.97 25.11 -3.73
C GLY A 84 24.45 25.04 -3.67
N LYS A 85 23.82 24.68 -4.78
CA LYS A 85 22.38 24.60 -4.81
C LYS A 85 21.87 23.22 -4.47
N LEU A 86 20.87 23.19 -3.62
CA LEU A 86 20.21 21.96 -3.19
C LEU A 86 18.93 21.84 -4.00
N THR A 87 18.75 20.73 -4.69
CA THR A 87 17.55 20.54 -5.47
C THR A 87 16.81 19.30 -5.04
N TRP A 88 15.50 19.43 -4.91
CA TRP A 88 14.69 18.30 -4.52
C TRP A 88 13.80 17.95 -5.69
N VAL A 89 13.44 16.69 -5.74
CA VAL A 89 12.61 16.18 -6.79
C VAL A 89 11.63 15.20 -6.16
N PRO A 90 10.35 15.23 -6.61
CA PRO A 90 9.26 14.38 -6.13
C PRO A 90 9.34 12.92 -6.53
N ASN A 91 8.82 12.06 -5.66
CA ASN A 91 8.76 10.63 -5.90
C ASN A 91 8.38 10.32 -7.38
N GLY A 92 9.10 9.39 -7.99
CA GLY A 92 8.85 9.00 -9.37
C GLY A 92 9.38 9.86 -10.50
N ALA A 93 10.22 10.83 -10.13
CA ALA A 93 10.81 11.73 -11.11
C ALA A 93 12.05 11.10 -11.67
N PRO A 94 12.29 11.29 -12.96
CA PRO A 94 13.46 10.75 -13.62
C PRO A 94 14.63 11.36 -12.88
N VAL A 95 15.61 10.53 -12.57
CA VAL A 95 16.77 10.98 -11.83
C VAL A 95 17.43 12.21 -12.50
N SER A 96 17.39 12.23 -13.81
CA SER A 96 17.97 13.34 -14.57
C SER A 96 17.48 14.71 -14.13
N ALA A 97 16.36 14.74 -13.43
CA ALA A 97 15.76 15.98 -12.97
C ALA A 97 16.59 16.68 -11.92
N LEU A 98 17.26 15.92 -11.06
CA LEU A 98 18.07 16.53 -10.00
C LEU A 98 18.98 17.68 -10.45
N ASN A 99 19.32 17.70 -11.73
CA ASN A 99 20.20 18.74 -12.23
C ASN A 99 19.45 20.00 -12.59
N ASN A 100 18.17 19.86 -12.86
CA ASN A 100 17.38 21.03 -13.21
C ASN A 100 17.02 21.88 -12.02
N THR A 101 17.21 23.18 -12.20
CA THR A 101 16.98 24.14 -11.16
C THR A 101 15.53 24.68 -11.01
N THR A 102 14.68 24.51 -12.03
CA THR A 102 13.30 24.98 -11.94
C THR A 102 12.51 24.07 -11.00
N ASN A 103 13.18 23.04 -10.48
CA ASN A 103 12.57 22.12 -9.51
C ASN A 103 12.89 22.80 -8.20
N PRO A 104 12.18 22.45 -7.13
CA PRO A 104 12.45 23.09 -5.84
C PRO A 104 13.94 23.09 -5.49
N THR A 105 14.63 24.17 -5.83
CA THR A 105 16.06 24.29 -5.58
C THR A 105 16.28 25.41 -4.59
N ALA A 106 17.02 25.15 -3.53
CA ALA A 106 17.31 26.13 -2.50
C ALA A 106 18.75 26.54 -2.57
N TYR A 107 19.00 27.85 -2.60
CA TYR A 107 20.37 28.35 -2.63
C TYR A 107 21.00 28.17 -1.24
N HIS A 108 22.31 28.37 -1.16
CA HIS A 108 23.00 28.20 0.10
C HIS A 108 22.77 29.34 1.07
N LYS A 109 22.72 28.99 2.35
CA LYS A 109 22.58 29.91 3.47
C LYS A 109 22.94 28.88 4.54
N GLY A 110 24.19 28.96 4.97
CA GLY A 110 24.69 28.02 5.94
C GLY A 110 24.18 28.36 7.30
N PRO A 111 24.32 27.44 8.27
CA PRO A 111 24.94 26.13 8.05
C PRO A 111 24.07 25.16 7.27
N VAL A 112 22.92 24.85 7.86
CA VAL A 112 21.96 23.94 7.26
C VAL A 112 20.87 24.67 6.52
N THR A 113 20.12 23.90 5.75
CA THR A 113 19.03 24.41 4.95
C THR A 113 17.87 23.52 5.35
N ARG A 114 16.80 24.12 5.88
CA ARG A 114 15.62 23.38 6.33
C ARG A 114 14.37 23.56 5.48
N LEU A 115 13.74 22.43 5.15
CA LEU A 115 12.54 22.40 4.30
C LEU A 115 11.41 21.50 4.75
N ALA A 116 10.21 21.82 4.32
CA ALA A 116 9.05 21.01 4.63
C ALA A 116 8.53 20.47 3.32
N LEU A 117 8.49 19.15 3.24
CA LEU A 117 8.08 18.45 2.05
C LEU A 117 6.87 17.55 2.27
N PRO A 118 5.98 17.50 1.27
CA PRO A 118 4.76 16.70 1.30
C PRO A 118 4.98 15.23 1.02
N TYR A 119 4.22 14.38 1.70
CA TYR A 119 4.29 12.95 1.43
C TYR A 119 4.03 12.91 -0.09
N THR A 120 4.87 12.19 -0.81
CA THR A 120 4.72 12.22 -2.24
C THR A 120 4.68 10.86 -2.99
N ALA A 121 4.48 9.77 -2.24
CA ALA A 121 4.36 8.43 -2.84
C ALA A 121 2.98 8.30 -3.52
N PRO A 122 2.71 7.22 -4.26
CA PRO A 122 1.41 7.07 -4.92
C PRO A 122 0.55 5.99 -4.30
N HIS A 123 0.96 5.57 -3.11
CA HIS A 123 0.24 4.55 -2.39
C HIS A 123 -0.50 5.27 -1.30
N ARG A 124 -1.51 4.61 -0.76
CA ARG A 124 -2.31 5.17 0.31
C ARG A 124 -1.47 5.29 1.59
N VAL A 125 -0.48 4.43 1.70
CA VAL A 125 0.39 4.40 2.86
C VAL A 125 1.67 3.66 2.42
N LEU A 126 2.74 3.76 3.19
CA LEU A 126 3.97 3.04 2.85
C LEU A 126 4.20 1.92 3.85
N ALA A 127 5.25 1.14 3.64
CA ALA A 127 5.56 0.02 4.52
C ALA A 127 6.99 -0.05 5.06
N THR A 128 7.11 -0.77 6.17
CA THR A 128 8.35 -1.03 6.89
C THR A 128 8.86 -2.39 6.39
N ALA A 129 7.94 -3.31 6.11
CA ALA A 129 8.28 -4.65 5.63
C ALA A 129 7.63 -4.85 4.28
N TYR A 130 7.66 -6.07 3.77
CA TYR A 130 7.06 -6.36 2.47
C TYR A 130 7.38 -7.79 2.04
N THR A 131 6.36 -8.53 1.62
CA THR A 131 6.56 -9.89 1.19
C THR A 131 6.06 -10.14 -0.23
N GLY A 132 6.62 -9.38 -1.17
CA GLY A 132 6.23 -9.51 -2.58
C GLY A 132 7.12 -8.73 -3.53
N ALA A 153 14.08 -9.69 2.40
CA ALA A 153 13.32 -9.03 1.30
C ALA A 153 14.03 -7.72 0.92
N HIS A 154 13.43 -6.92 0.04
CA HIS A 154 13.97 -5.62 -0.44
C HIS A 154 12.78 -4.75 -0.88
N LEU A 155 12.61 -3.61 -0.22
CA LEU A 155 11.49 -2.68 -0.49
C LEU A 155 11.44 -2.02 -1.85
N PRO A 156 10.24 -1.91 -2.44
CA PRO A 156 9.94 -1.32 -3.75
C PRO A 156 10.46 0.09 -4.04
N THR A 157 10.77 0.33 -5.31
CA THR A 157 11.26 1.61 -5.79
C THR A 157 10.44 2.76 -5.20
N SER A 158 9.14 2.74 -5.48
CA SER A 158 8.19 3.76 -5.06
C SER A 158 8.12 4.17 -3.57
N PHE A 159 8.68 3.39 -2.66
CA PHE A 159 8.64 3.76 -1.24
C PHE A 159 9.63 4.86 -0.86
N ASN A 160 9.52 6.03 -1.49
CA ASN A 160 10.43 7.12 -1.18
C ASN A 160 9.69 8.47 -1.07
N PHE A 161 10.43 9.50 -0.66
CA PHE A 161 9.88 10.85 -0.53
C PHE A 161 10.51 11.78 -1.53
N GLY A 162 11.04 11.20 -2.59
CA GLY A 162 11.71 11.98 -3.60
C GLY A 162 13.22 11.85 -3.38
N ALA A 163 13.98 12.71 -4.04
CA ALA A 163 15.43 12.68 -3.93
C ALA A 163 15.99 14.06 -3.92
N VAL A 164 17.19 14.16 -3.40
CA VAL A 164 17.89 15.42 -3.25
C VAL A 164 19.27 15.37 -3.89
N LYS A 165 19.78 16.51 -4.35
CA LYS A 165 21.11 16.58 -4.97
C LYS A 165 21.70 17.98 -4.81
N ALA A 166 22.92 18.05 -4.32
CA ALA A 166 23.58 19.32 -4.15
C ALA A 166 25.05 19.06 -4.41
N GLU A 167 25.73 20.03 -5.02
CA GLU A 167 27.16 19.92 -5.32
C GLU A 167 27.90 19.14 -4.22
N THR A 168 27.55 19.42 -2.96
CA THR A 168 28.14 18.76 -1.80
C THR A 168 27.09 18.52 -0.72
N ILE A 169 27.00 17.30 -0.22
CA ILE A 169 26.06 17.01 0.86
C ILE A 169 26.83 16.45 2.05
N THR A 170 27.28 17.35 2.91
CA THR A 170 28.03 16.99 4.11
C THR A 170 27.24 16.14 5.09
N GLU A 171 26.01 16.56 5.38
CA GLU A 171 25.15 15.86 6.34
C GLU A 171 23.67 15.94 6.00
N LEU A 172 22.91 14.94 6.46
CA LEU A 172 21.48 14.90 6.19
C LEU A 172 20.66 14.38 7.36
N LEU A 173 19.58 15.10 7.66
CA LEU A 173 18.66 14.74 8.73
C LEU A 173 17.24 14.81 8.20
N VAL A 174 16.36 14.02 8.79
CA VAL A 174 14.96 14.04 8.40
C VAL A 174 14.08 14.01 9.64
N ARG A 175 12.88 14.54 9.49
CA ARG A 175 11.92 14.60 10.58
C ARG A 175 10.56 14.21 10.00
N MET A 176 9.89 13.27 10.68
CA MET A 176 8.58 12.81 10.26
C MET A 176 7.48 13.67 10.92
N LYS A 177 6.63 14.28 10.11
CA LYS A 177 5.56 15.11 10.65
C LYS A 177 4.23 14.40 10.37
N ARG A 178 3.25 14.54 11.27
CA ARG A 178 1.92 13.94 11.04
C ARG A 178 1.87 12.41 11.00
N ALA A 179 2.88 11.77 11.59
CA ALA A 179 3.00 10.32 11.57
C ALA A 179 1.79 9.46 11.99
N GLU A 180 1.52 8.42 11.20
CA GLU A 180 0.42 7.48 11.48
C GLU A 180 1.04 6.11 11.37
N LEU A 181 0.75 5.22 12.33
CA LEU A 181 1.33 3.87 12.28
C LEU A 181 0.28 2.79 12.36
N TYR A 182 0.51 1.68 11.67
CA TYR A 182 -0.45 0.58 11.65
C TYR A 182 0.18 -0.78 11.77
N CYS A 183 -0.41 -1.60 12.64
CA CYS A 183 0.04 -2.97 12.90
C CYS A 183 1.39 -2.93 13.57
N PRO A 184 1.45 -3.32 14.83
CA PRO A 184 2.74 -3.25 15.47
C PRO A 184 3.63 -4.45 15.16
N ARG A 185 4.92 -4.16 15.10
CA ARG A 185 5.97 -5.12 14.86
C ARG A 185 6.77 -5.09 16.16
N PRO A 186 7.63 -6.10 16.41
CA PRO A 186 8.42 -6.14 17.64
C PRO A 186 9.49 -5.05 17.71
N ILE A 187 10.07 -4.91 18.90
CA ILE A 187 11.11 -3.92 19.17
C ILE A 187 11.90 -4.44 20.39
N LEU A 188 13.15 -4.83 20.13
CA LEU A 188 14.03 -5.39 21.14
C LEU A 188 15.08 -4.44 21.65
N PRO A 189 15.51 -4.64 22.90
CA PRO A 189 16.53 -3.84 23.58
C PRO A 189 17.88 -4.58 23.41
N ILE A 190 18.74 -4.49 24.42
CA ILE A 190 20.04 -5.17 24.40
C ILE A 190 19.86 -6.45 25.19
N GLN A 191 20.55 -7.52 24.78
CA GLN A 191 20.47 -8.79 25.50
C GLN A 191 21.55 -8.68 26.59
N PRO A 192 21.17 -8.59 27.89
CA PRO A 192 22.22 -8.47 28.90
C PRO A 192 23.01 -9.74 29.14
N THR A 193 24.28 -9.52 29.43
CA THR A 193 25.26 -10.56 29.70
C THR A 193 24.89 -11.28 31.01
N GLY A 194 24.75 -10.49 32.07
CA GLY A 194 24.41 -11.03 33.37
C GLY A 194 22.93 -10.92 33.66
N ASP A 195 22.60 -10.73 34.93
CA ASP A 195 21.22 -10.63 35.40
C ASP A 195 20.43 -9.39 34.97
N ARG A 196 21.14 -8.30 34.74
CA ARG A 196 20.54 -7.04 34.29
C ARG A 196 21.64 -6.33 33.53
N HIS A 197 21.27 -5.31 32.79
CA HIS A 197 22.24 -4.59 32.01
C HIS A 197 22.64 -3.28 32.69
N LYS A 198 23.70 -3.34 33.49
CA LYS A 198 24.21 -2.16 34.20
C LYS A 198 25.09 -1.30 33.28
N GLN A 199 25.13 0.01 33.53
CA GLN A 199 25.94 0.93 32.74
C GLN A 199 26.06 2.33 33.37
N PRO A 200 26.92 3.21 32.82
CA PRO A 200 27.12 4.56 33.35
C PRO A 200 26.03 5.53 32.92
N LEU A 201 25.38 6.10 33.93
CA LEU A 201 24.30 7.04 33.72
C LEU A 201 24.77 8.41 34.14
N VAL A 202 24.25 9.42 33.47
CA VAL A 202 24.53 10.82 33.75
C VAL A 202 24.47 11.10 35.26
N ALA A 203 25.61 11.46 35.84
CA ALA A 203 25.67 11.74 37.26
C ALA A 203 26.46 13.03 37.50
N PRO A 204 26.31 13.65 38.69
CA PRO A 204 27.05 14.89 38.96
C PRO A 204 28.55 14.62 39.16
N ALA A 205 29.36 15.66 38.97
CA ALA A 205 30.80 15.51 39.16
C ALA A 205 31.02 15.19 40.65
N LYS A 206 31.80 14.15 40.91
CA LYS A 206 32.10 13.66 42.26
C LYS A 206 32.48 14.72 43.32
N GLN A 207 33.52 15.52 43.03
CA GLN A 207 34.04 16.57 43.91
C GLN A 207 34.56 16.03 45.25
N ASP B 1 -18.33 -18.83 23.66
CA ASP B 1 -19.24 -19.94 23.24
C ASP B 1 -19.55 -20.71 24.51
N LYS B 2 -20.60 -21.54 24.48
CA LYS B 2 -20.98 -22.33 25.64
C LYS B 2 -21.89 -23.48 25.21
N LYS B 3 -22.02 -24.49 26.06
CA LYS B 3 -22.87 -25.64 25.79
C LYS B 3 -23.69 -25.92 27.05
N THR B 4 -24.67 -26.82 26.94
CA THR B 4 -25.53 -27.12 28.09
C THR B 4 -25.33 -28.49 28.79
N GLU B 5 -26.41 -29.24 28.96
CA GLU B 5 -26.41 -30.53 29.66
C GLU B 5 -26.26 -30.15 31.15
N GLU B 6 -25.08 -29.66 31.52
CA GLU B 6 -24.78 -29.21 32.89
C GLU B 6 -23.31 -28.81 33.07
N THR B 7 -22.44 -29.81 33.22
CA THR B 7 -21.00 -29.60 33.39
C THR B 7 -20.26 -30.65 32.56
N THR B 8 -20.15 -31.87 33.11
CA THR B 8 -19.53 -33.04 32.47
C THR B 8 -18.00 -33.18 32.47
N LEU B 9 -17.54 -34.35 32.00
CA LEU B 9 -16.12 -34.69 31.93
C LEU B 9 -15.49 -34.40 30.56
N LEU B 10 -16.32 -34.30 29.53
CA LEU B 10 -15.84 -34.06 28.17
C LEU B 10 -15.61 -32.57 27.83
N GLU B 11 -16.07 -32.12 26.66
CA GLU B 11 -15.88 -30.72 26.21
C GLU B 11 -17.22 -30.02 25.94
N ASP B 12 -17.17 -28.69 25.79
CA ASP B 12 -18.34 -27.87 25.49
C ASP B 12 -17.84 -26.57 24.80
N ARG B 13 -18.53 -25.43 24.92
CA ARG B 13 -18.07 -24.21 24.25
C ARG B 13 -18.17 -24.41 22.74
N ILE B 14 -19.29 -24.99 22.30
CA ILE B 14 -19.56 -25.29 20.90
C ILE B 14 -19.66 -24.07 20.01
N LEU B 15 -19.29 -24.22 18.74
CA LEU B 15 -19.32 -23.12 17.77
C LEU B 15 -19.25 -23.64 16.36
N THR B 16 -20.20 -23.21 15.55
CA THR B 16 -20.25 -23.60 14.16
C THR B 16 -19.93 -22.40 13.28
N THR B 17 -18.98 -22.53 12.36
CA THR B 17 -18.64 -21.44 11.45
C THR B 17 -19.19 -21.81 10.09
N ARG B 18 -19.55 -20.83 9.27
CA ARG B 18 -20.05 -21.15 7.95
C ARG B 18 -19.71 -20.13 6.90
N ASN B 19 -19.09 -20.57 5.82
CA ASN B 19 -18.75 -19.70 4.72
C ASN B 19 -19.23 -20.46 3.54
N GLY B 20 -20.08 -19.84 2.72
CA GLY B 20 -20.61 -20.52 1.55
C GLY B 20 -21.32 -21.79 2.00
N HIS B 21 -21.29 -22.82 1.16
CA HIS B 21 -21.94 -24.06 1.50
C HIS B 21 -21.02 -24.98 2.30
N THR B 22 -20.26 -24.41 3.23
CA THR B 22 -19.35 -25.19 4.01
C THR B 22 -19.41 -24.78 5.48
N THR B 23 -19.54 -25.75 6.36
CA THR B 23 -19.61 -25.48 7.79
C THR B 23 -18.41 -26.09 8.55
N SER B 24 -18.30 -25.77 9.83
CA SER B 24 -17.24 -26.33 10.66
C SER B 24 -17.54 -26.19 12.14
N THR B 25 -18.14 -27.23 12.67
CA THR B 25 -18.52 -27.31 14.06
C THR B 25 -17.28 -27.66 14.93
N THR B 26 -17.28 -27.24 16.20
CA THR B 26 -16.15 -27.48 17.12
C THR B 26 -16.56 -27.43 18.57
N GLN B 27 -16.70 -28.59 19.20
CA GLN B 27 -17.11 -28.64 20.60
C GLN B 27 -16.01 -28.25 21.59
N SER B 28 -15.07 -27.41 21.18
CA SER B 28 -13.96 -27.01 22.06
C SER B 28 -13.37 -25.70 21.57
N SER B 29 -14.23 -24.71 21.41
CA SER B 29 -13.79 -23.41 20.93
C SER B 29 -13.26 -22.63 22.11
N VAL B 30 -12.59 -21.53 21.82
CA VAL B 30 -12.02 -20.67 22.83
C VAL B 30 -12.33 -19.25 22.33
N GLY B 31 -13.29 -19.19 21.40
CA GLY B 31 -13.69 -17.94 20.81
C GLY B 31 -12.97 -17.76 19.50
N VAL B 32 -13.02 -16.56 18.94
CA VAL B 32 -12.33 -16.25 17.70
C VAL B 32 -11.71 -14.89 17.80
N THR B 33 -10.45 -14.84 17.45
CA THR B 33 -9.70 -13.62 17.51
C THR B 33 -9.93 -12.80 16.25
N PHE B 34 -10.20 -11.52 16.45
CA PHE B 34 -10.42 -10.62 15.34
C PHE B 34 -9.22 -9.78 15.02
N GLY B 35 -8.94 -9.71 13.72
CA GLY B 35 -7.81 -9.00 13.17
C GLY B 35 -7.34 -7.66 13.71
N TYR B 36 -7.19 -6.75 12.77
CA TYR B 36 -6.73 -5.44 13.12
C TYR B 36 -7.91 -4.49 13.04
N ALA B 37 -9.05 -5.07 12.70
CA ALA B 37 -10.28 -4.31 12.56
C ALA B 37 -11.43 -5.28 12.43
N THR B 38 -12.63 -4.71 12.49
CA THR B 38 -13.88 -5.44 12.38
C THR B 38 -14.48 -5.41 10.98
N ALA B 39 -14.07 -4.43 10.17
CA ALA B 39 -14.55 -4.31 8.81
C ALA B 39 -13.47 -3.72 7.92
N GLU B 40 -13.36 -4.23 6.69
CA GLU B 40 -12.35 -3.75 5.75
C GLU B 40 -12.63 -2.33 5.27
N ASP B 41 -11.60 -1.63 4.81
CA ASP B 41 -11.79 -0.28 4.29
C ASP B 41 -12.70 -0.32 3.05
N SER B 42 -12.90 0.82 2.40
CA SER B 42 -13.78 0.83 1.25
C SER B 42 -13.31 -0.09 0.15
N THR B 43 -14.19 -1.01 -0.22
CA THR B 43 -13.88 -1.97 -1.25
C THR B 43 -13.88 -1.40 -2.66
N SER B 44 -14.42 -0.19 -2.84
CA SER B 44 -14.47 0.41 -4.19
C SER B 44 -13.69 1.70 -4.31
N GLY B 45 -12.39 1.56 -4.53
CA GLY B 45 -11.55 2.73 -4.64
C GLY B 45 -11.44 3.27 -6.05
N PRO B 46 -10.78 4.42 -6.19
CA PRO B 46 -10.55 5.13 -7.46
C PRO B 46 -9.59 4.33 -8.35
N ASN B 47 -8.71 3.59 -7.68
CA ASN B 47 -7.70 2.76 -8.31
C ASN B 47 -8.33 1.66 -9.12
N THR B 48 -9.63 1.48 -9.00
CA THR B 48 -10.30 0.44 -9.74
C THR B 48 -11.30 1.01 -10.75
N SER B 49 -11.27 2.34 -10.94
CA SER B 49 -12.23 3.03 -11.81
C SER B 49 -13.64 2.39 -11.67
N ALA B 50 -13.86 1.80 -10.49
CA ALA B 50 -15.08 1.11 -10.14
C ALA B 50 -15.56 0.09 -11.17
N LEU B 51 -14.64 -0.75 -11.62
CA LEU B 51 -14.95 -1.81 -12.54
C LEU B 51 -14.85 -3.11 -11.73
N GLU B 52 -14.53 -2.97 -10.43
CA GLU B 52 -14.39 -4.12 -9.53
C GLU B 52 -15.71 -4.84 -9.31
N THR B 53 -15.64 -6.11 -8.92
CA THR B 53 -16.84 -6.91 -8.62
C THR B 53 -16.47 -7.83 -7.46
N ARG B 54 -17.46 -8.46 -6.85
CA ARG B 54 -17.18 -9.35 -5.73
C ARG B 54 -17.77 -10.71 -6.04
N VAL B 55 -17.04 -11.75 -5.65
CA VAL B 55 -17.53 -13.09 -5.91
C VAL B 55 -17.87 -13.86 -4.62
N HIS B 56 -19.16 -14.14 -4.46
CA HIS B 56 -19.64 -14.83 -3.28
C HIS B 56 -19.17 -16.25 -3.25
N GLN B 57 -19.02 -16.83 -4.43
CA GLN B 57 -18.63 -18.23 -4.57
C GLN B 57 -17.25 -18.57 -4.02
N ALA B 58 -16.32 -17.62 -4.11
CA ALA B 58 -14.98 -17.82 -3.62
C ALA B 58 -14.98 -18.00 -2.11
N GLU B 59 -15.78 -17.19 -1.42
CA GLU B 59 -15.89 -17.23 0.04
C GLU B 59 -16.49 -18.52 0.58
N ARG B 60 -15.64 -19.55 0.62
CA ARG B 60 -16.01 -20.85 1.12
C ARG B 60 -14.73 -21.44 1.70
N PHE B 61 -14.92 -22.51 2.46
CA PHE B 61 -13.82 -23.20 3.11
C PHE B 61 -12.99 -24.04 2.15
N PHE B 62 -11.72 -24.14 2.48
CA PHE B 62 -10.78 -24.97 1.75
C PHE B 62 -9.75 -25.42 2.80
N LYS B 63 -9.38 -26.70 2.74
CA LYS B 63 -8.44 -27.24 3.69
C LYS B 63 -7.04 -27.36 3.09
N MET B 64 -6.04 -27.31 3.96
CA MET B 64 -4.63 -27.45 3.59
C MET B 64 -3.84 -27.81 4.86
N ALA B 65 -3.01 -28.86 4.78
CA ALA B 65 -2.24 -29.34 5.92
C ALA B 65 -1.03 -28.51 6.29
N LEU B 66 -0.63 -28.59 7.54
CA LEU B 66 0.51 -27.81 8.04
C LEU B 66 1.75 -28.65 8.35
N PHE B 67 1.72 -29.39 9.46
CA PHE B 67 2.85 -30.24 9.84
C PHE B 67 2.45 -31.17 10.98
N ASP B 68 3.41 -31.96 11.46
CA ASP B 68 3.16 -32.88 12.57
C ASP B 68 3.95 -32.39 13.76
N TRP B 69 3.25 -32.16 14.85
CA TRP B 69 3.87 -31.68 16.07
C TRP B 69 4.28 -32.91 16.89
N VAL B 70 5.57 -32.99 17.17
CA VAL B 70 6.14 -34.11 17.92
C VAL B 70 7.01 -33.53 19.04
N PRO B 71 7.19 -34.29 20.14
CA PRO B 71 7.97 -33.88 21.31
C PRO B 71 9.38 -33.38 21.02
N SER B 72 9.93 -33.81 19.87
CA SER B 72 11.27 -33.44 19.44
C SER B 72 11.38 -31.92 19.30
N GLN B 73 10.58 -31.38 18.38
CA GLN B 73 10.56 -29.94 18.13
C GLN B 73 10.17 -29.26 19.42
N ASN B 74 11.07 -28.40 19.86
CA ASN B 74 10.87 -27.66 21.08
C ASN B 74 10.64 -26.18 20.81
N PHE B 75 10.82 -25.36 21.84
CA PHE B 75 10.57 -23.93 21.71
C PHE B 75 11.04 -23.25 20.43
N GLY B 76 10.23 -22.32 19.95
CA GLY B 76 10.57 -21.57 18.76
C GLY B 76 10.46 -22.33 17.46
N HIS B 77 10.14 -23.63 17.50
CA HIS B 77 10.03 -24.37 16.23
C HIS B 77 8.85 -23.79 15.53
N MET B 78 9.06 -23.27 14.34
CA MET B 78 7.97 -22.62 13.67
C MET B 78 7.72 -23.01 12.23
N HIS B 79 6.44 -23.09 11.87
CA HIS B 79 6.01 -23.44 10.52
C HIS B 79 5.20 -22.27 9.95
N LYS B 80 5.76 -21.58 8.96
CA LYS B 80 5.08 -20.44 8.33
C LYS B 80 4.60 -20.78 6.89
N VAL B 81 3.68 -19.97 6.38
CA VAL B 81 3.13 -20.11 5.01
C VAL B 81 2.44 -18.79 4.60
N VAL B 82 2.57 -18.41 3.33
CA VAL B 82 1.93 -17.19 2.87
C VAL B 82 0.65 -17.58 2.15
N LEU B 83 -0.44 -16.92 2.53
CA LEU B 83 -1.73 -17.18 1.91
C LEU B 83 -1.77 -16.25 0.72
N PRO B 84 -2.37 -16.69 -0.40
CA PRO B 84 -3.03 -17.97 -0.70
C PRO B 84 -2.21 -19.26 -0.86
N HIS B 85 -1.00 -19.12 -1.37
CA HIS B 85 -0.13 -20.27 -1.66
C HIS B 85 -0.72 -20.91 -2.93
N GLU B 86 -0.64 -22.22 -3.11
CA GLU B 86 -1.25 -22.77 -4.32
C GLU B 86 -2.73 -22.78 -4.01
N PRO B 87 -3.51 -22.05 -4.81
CA PRO B 87 -4.95 -21.96 -4.64
C PRO B 87 -5.66 -22.78 -5.70
N LYS B 88 -6.65 -23.55 -5.27
CA LYS B 88 -7.40 -24.39 -6.20
C LYS B 88 -8.85 -23.93 -6.23
N GLY B 89 -9.64 -24.61 -7.06
CA GLY B 89 -11.06 -24.32 -7.20
C GLY B 89 -11.41 -22.93 -7.63
N VAL B 90 -12.64 -22.56 -7.36
CA VAL B 90 -13.20 -21.24 -7.67
C VAL B 90 -12.25 -20.12 -7.31
N TYR B 91 -11.84 -20.10 -6.04
CA TYR B 91 -10.93 -19.08 -5.57
C TYR B 91 -9.71 -19.04 -6.47
N GLY B 92 -9.14 -20.21 -6.72
CA GLY B 92 -7.97 -20.30 -7.58
C GLY B 92 -8.24 -19.72 -8.95
N GLY B 93 -9.38 -20.08 -9.52
CA GLY B 93 -9.75 -19.60 -10.84
C GLY B 93 -9.69 -18.09 -10.98
N LEU B 94 -10.08 -17.38 -9.92
CA LEU B 94 -10.07 -15.93 -9.92
C LEU B 94 -8.70 -15.37 -10.24
N VAL B 95 -7.69 -15.93 -9.59
CA VAL B 95 -6.32 -15.50 -9.76
C VAL B 95 -5.81 -15.59 -11.20
N LYS B 96 -6.33 -16.55 -11.94
CA LYS B 96 -5.93 -16.75 -13.33
C LYS B 96 -6.69 -15.86 -14.29
N SER B 97 -7.84 -15.33 -13.88
CA SER B 97 -8.64 -14.47 -14.77
C SER B 97 -8.74 -12.98 -14.49
N TYR B 98 -8.26 -12.55 -13.31
CA TYR B 98 -8.30 -11.13 -12.96
C TYR B 98 -6.93 -10.60 -12.61
N ALA B 99 -6.60 -9.45 -13.18
CA ALA B 99 -5.30 -8.82 -12.96
C ALA B 99 -5.06 -8.47 -11.49
N TYR B 100 -6.03 -7.81 -10.87
CA TYR B 100 -5.89 -7.40 -9.47
C TYR B 100 -7.04 -7.93 -8.59
N MET B 101 -6.75 -8.15 -7.31
CA MET B 101 -7.76 -8.63 -6.38
C MET B 101 -7.41 -8.43 -4.90
N ARG B 102 -8.40 -8.62 -4.02
CA ARG B 102 -8.24 -8.45 -2.58
C ARG B 102 -9.26 -9.26 -1.76
N ASN B 103 -8.84 -9.67 -0.57
CA ASN B 103 -9.68 -10.45 0.34
C ASN B 103 -8.95 -10.66 1.67
N GLY B 104 -9.72 -10.92 2.71
CA GLY B 104 -9.16 -11.13 4.04
C GLY B 104 -9.23 -12.62 4.28
N TRP B 105 -8.99 -13.06 5.51
CA TRP B 105 -8.98 -14.49 5.79
C TRP B 105 -9.76 -14.95 6.99
N ASP B 106 -10.42 -16.10 6.84
CA ASP B 106 -11.09 -16.69 7.97
C ASP B 106 -10.28 -17.97 8.19
N VAL B 107 -9.45 -17.96 9.22
CA VAL B 107 -8.59 -19.10 9.52
C VAL B 107 -8.97 -19.87 10.76
N GLU B 108 -9.04 -21.18 10.63
CA GLU B 108 -9.39 -22.06 11.73
C GLU B 108 -8.31 -23.14 11.69
N VAL B 109 -7.36 -23.09 12.61
CA VAL B 109 -6.26 -24.06 12.68
C VAL B 109 -6.58 -25.14 13.70
N THR B 110 -6.49 -26.39 13.29
CA THR B 110 -6.87 -27.44 14.20
C THR B 110 -5.86 -28.55 14.45
N ALA B 111 -5.24 -28.46 15.63
CA ALA B 111 -4.25 -29.44 16.08
C ALA B 111 -4.91 -30.49 16.98
N VAL B 112 -5.57 -31.47 16.35
CA VAL B 112 -6.24 -32.51 17.13
C VAL B 112 -5.35 -33.62 17.72
N GLY B 113 -5.24 -33.57 19.04
CA GLY B 113 -4.45 -34.53 19.77
C GLY B 113 -5.40 -35.18 20.75
N ASN B 114 -5.19 -34.91 22.03
CA ASN B 114 -6.02 -35.48 23.09
C ASN B 114 -5.68 -34.76 24.40
N GLN B 115 -6.67 -34.59 25.28
CA GLN B 115 -6.49 -33.86 26.55
C GLN B 115 -5.40 -34.29 27.53
N PHE B 116 -4.68 -35.37 27.24
CA PHE B 116 -3.62 -35.82 28.15
C PHE B 116 -2.24 -35.42 27.72
N ASN B 117 -2.19 -34.70 26.61
CA ASN B 117 -0.95 -34.17 26.10
C ASN B 117 -0.71 -32.87 26.87
N GLY B 118 0.54 -32.45 26.96
CA GLY B 118 0.84 -31.18 27.59
C GLY B 118 1.37 -30.43 26.39
N GLY B 119 2.02 -29.30 26.60
CA GLY B 119 2.54 -28.59 25.43
C GLY B 119 1.57 -27.54 24.94
N CYS B 120 2.06 -26.67 24.08
CA CYS B 120 1.23 -25.59 23.59
C CYS B 120 1.77 -24.85 22.36
N LEU B 121 0.88 -24.64 21.40
CA LEU B 121 1.18 -23.95 20.16
C LEU B 121 0.63 -22.54 20.18
N LEU B 122 1.25 -21.68 19.39
CA LEU B 122 0.81 -20.30 19.24
C LEU B 122 0.56 -20.12 17.75
N VAL B 123 -0.67 -19.78 17.36
CA VAL B 123 -0.96 -19.53 15.94
C VAL B 123 -1.31 -18.07 15.71
N ALA B 124 -0.69 -17.47 14.69
CA ALA B 124 -0.87 -16.05 14.37
C ALA B 124 -0.89 -15.80 12.86
N LEU B 125 -1.26 -14.59 12.48
CA LEU B 125 -1.27 -14.17 11.08
C LEU B 125 -0.45 -12.91 11.03
N VAL B 126 0.45 -12.83 10.07
CA VAL B 126 1.28 -11.66 10.03
C VAL B 126 1.35 -10.91 8.71
N PRO B 127 1.29 -9.58 8.79
CA PRO B 127 1.33 -8.70 7.63
C PRO B 127 2.78 -8.44 7.19
N GLU B 128 3.09 -8.76 5.93
CA GLU B 128 4.43 -8.53 5.40
C GLU B 128 5.50 -9.20 6.26
N MET B 129 5.27 -10.45 6.66
CA MET B 129 6.24 -11.14 7.49
C MET B 129 7.47 -11.53 6.71
N GLY B 130 8.62 -11.00 7.10
CA GLY B 130 9.84 -11.31 6.39
C GLY B 130 10.96 -11.87 7.25
N ASP B 131 10.80 -13.10 7.72
CA ASP B 131 11.81 -13.76 8.54
C ASP B 131 12.09 -13.10 9.88
N ILE B 132 11.61 -13.73 10.94
CA ILE B 132 11.82 -13.19 12.27
C ILE B 132 13.13 -13.68 12.85
N SER B 133 13.69 -12.92 13.77
CA SER B 133 14.90 -13.31 14.44
C SER B 133 14.46 -14.29 15.54
N ASP B 134 15.41 -14.93 16.19
CA ASP B 134 15.09 -15.85 17.26
C ASP B 134 14.46 -15.10 18.41
N ARG B 135 15.06 -13.96 18.75
CA ARG B 135 14.58 -13.09 19.83
C ARG B 135 13.14 -12.62 19.63
N GLU B 136 12.86 -12.10 18.44
CA GLU B 136 11.54 -11.61 18.15
C GLU B 136 10.47 -12.67 17.93
N LYS B 137 10.66 -13.86 18.44
CA LYS B 137 9.61 -14.87 18.33
C LYS B 137 8.85 -14.62 19.63
N TYR B 138 9.57 -14.06 20.60
CA TYR B 138 9.05 -13.73 21.92
C TYR B 138 7.99 -12.67 21.86
N GLN B 139 8.07 -11.80 20.85
CA GLN B 139 7.11 -10.72 20.64
C GLN B 139 6.25 -11.05 19.43
N LEU B 140 5.76 -12.27 19.38
CA LEU B 140 4.93 -12.67 18.26
C LEU B 140 3.48 -12.38 18.58
N THR B 141 3.20 -12.20 19.87
CA THR B 141 1.87 -11.91 20.36
C THR B 141 1.30 -10.55 19.89
N LEU B 142 2.13 -9.73 19.24
CA LEU B 142 1.71 -8.42 18.70
C LEU B 142 0.85 -8.60 17.44
N TYR B 143 0.73 -9.84 17.01
CA TYR B 143 -0.03 -10.17 15.84
C TYR B 143 -1.30 -10.90 16.22
N PRO B 144 -2.31 -10.80 15.35
CA PRO B 144 -3.58 -11.48 15.61
C PRO B 144 -3.24 -12.94 15.94
N HIS B 145 -3.43 -13.36 17.18
CA HIS B 145 -3.07 -14.72 17.53
C HIS B 145 -4.06 -15.46 18.38
N GLN B 146 -3.73 -16.72 18.70
CA GLN B 146 -4.58 -17.56 19.54
C GLN B 146 -3.82 -18.86 19.88
N PHE B 147 -3.83 -19.26 21.14
CA PHE B 147 -3.13 -20.46 21.56
C PHE B 147 -3.95 -21.73 21.50
N ILE B 148 -3.27 -22.84 21.27
CA ILE B 148 -3.90 -24.15 21.29
C ILE B 148 -3.15 -24.80 22.46
N ASN B 149 -3.88 -25.34 23.41
CA ASN B 149 -3.27 -25.94 24.58
C ASN B 149 -4.22 -27.08 24.88
N PRO B 150 -3.76 -28.33 24.69
CA PRO B 150 -4.45 -29.62 24.88
C PRO B 150 -5.36 -29.75 26.09
N ARG B 151 -4.92 -29.21 27.24
CA ARG B 151 -5.76 -29.27 28.42
C ARG B 151 -7.05 -28.47 28.18
N THR B 152 -6.93 -27.41 27.38
CA THR B 152 -8.04 -26.52 27.07
C THR B 152 -8.72 -26.70 25.70
N ASN B 153 -8.05 -26.34 24.62
CA ASN B 153 -8.68 -26.41 23.32
C ASN B 153 -7.97 -27.23 22.26
N MET B 154 -8.71 -27.49 21.18
CA MET B 154 -8.23 -28.25 20.03
C MET B 154 -8.06 -27.32 18.82
N THR B 155 -8.95 -26.33 18.73
CA THR B 155 -8.97 -25.40 17.61
C THR B 155 -8.70 -23.97 17.98
N ALA B 156 -8.04 -23.26 17.09
CA ALA B 156 -7.75 -21.85 17.27
C ALA B 156 -8.41 -21.23 16.06
N HIS B 157 -9.11 -20.11 16.27
CA HIS B 157 -9.82 -19.44 15.17
C HIS B 157 -9.50 -17.96 15.17
N ILE B 158 -9.11 -17.46 14.01
CA ILE B 158 -8.74 -16.06 13.86
C ILE B 158 -9.29 -15.56 12.55
N THR B 159 -9.95 -14.40 12.59
CA THR B 159 -10.48 -13.82 11.38
C THR B 159 -9.71 -12.55 11.20
N VAL B 160 -9.38 -12.24 9.95
CA VAL B 160 -8.53 -11.08 9.65
C VAL B 160 -8.87 -10.41 8.31
N PRO B 161 -8.77 -9.06 8.25
CA PRO B 161 -9.03 -8.20 7.08
C PRO B 161 -7.92 -8.12 6.06
N TYR B 162 -8.24 -7.72 4.84
CA TYR B 162 -7.19 -7.56 3.85
C TYR B 162 -6.41 -6.28 4.23
N VAL B 163 -5.09 -6.29 4.02
CA VAL B 163 -4.22 -5.15 4.31
C VAL B 163 -3.23 -4.95 3.15
N GLY B 164 -2.51 -3.84 3.16
CA GLY B 164 -1.54 -3.63 2.10
C GLY B 164 -1.43 -2.16 1.78
N VAL B 165 -0.34 -1.75 1.14
CA VAL B 165 -0.20 -0.34 0.83
C VAL B 165 -1.05 -0.02 -0.39
N ASN B 166 -1.72 -1.04 -0.91
CA ASN B 166 -2.57 -0.88 -2.06
C ASN B 166 -3.92 -1.44 -1.81
N ARG B 167 -4.96 -0.70 -2.25
CA ARG B 167 -6.32 -1.14 -2.05
C ARG B 167 -6.57 -2.52 -2.65
N TYR B 168 -5.88 -2.80 -3.75
CA TYR B 168 -5.97 -4.07 -4.43
C TYR B 168 -4.54 -4.55 -4.74
N ASP B 169 -4.34 -5.87 -4.80
CA ASP B 169 -3.02 -6.48 -5.06
C ASP B 169 -3.00 -7.36 -6.32
N GLN B 170 -1.84 -7.95 -6.57
CA GLN B 170 -1.61 -8.88 -7.69
C GLN B 170 -0.98 -9.99 -6.90
N TYR B 171 -1.83 -10.86 -6.39
CA TYR B 171 -1.40 -11.98 -5.57
C TYR B 171 -0.22 -12.72 -6.17
N LYS B 172 -0.17 -12.72 -7.51
CA LYS B 172 0.88 -13.38 -8.26
C LYS B 172 2.24 -12.78 -7.98
N GLN B 173 2.31 -11.82 -7.05
CA GLN B 173 3.59 -11.22 -6.73
C GLN B 173 3.56 -10.26 -5.56
N HIS B 174 2.79 -10.65 -4.57
CA HIS B 174 2.64 -9.98 -3.29
C HIS B 174 1.37 -10.40 -2.66
N ARG B 175 1.53 -10.94 -1.48
CA ARG B 175 0.44 -11.41 -0.66
C ARG B 175 0.84 -10.76 0.68
N PRO B 176 -0.14 -10.26 1.45
CA PRO B 176 0.31 -9.65 2.70
C PRO B 176 0.29 -10.62 3.89
N TRP B 177 -0.70 -11.50 3.88
CA TRP B 177 -0.85 -12.43 4.98
C TRP B 177 0.02 -13.68 4.98
N THR B 178 0.64 -13.95 6.12
CA THR B 178 1.50 -15.12 6.34
C THR B 178 1.04 -15.82 7.61
N LEU B 179 0.44 -17.01 7.47
CA LEU B 179 -0.03 -17.78 8.63
C LEU B 179 1.12 -18.54 9.25
N VAL B 180 1.39 -18.32 10.54
CA VAL B 180 2.49 -19.03 11.20
C VAL B 180 1.97 -19.81 12.40
N VAL B 181 2.71 -20.82 12.82
CA VAL B 181 2.36 -21.63 13.99
C VAL B 181 3.70 -21.93 14.61
N MET B 182 3.82 -21.73 15.91
CA MET B 182 5.07 -21.95 16.60
C MET B 182 4.87 -22.71 17.89
N VAL B 183 5.88 -23.48 18.26
CA VAL B 183 5.78 -24.23 19.49
C VAL B 183 6.28 -23.29 20.55
N VAL B 184 5.58 -23.25 21.68
CA VAL B 184 6.01 -22.41 22.78
C VAL B 184 6.37 -23.32 23.95
N ALA B 185 5.63 -24.42 24.09
CA ALA B 185 5.89 -25.41 25.13
C ALA B 185 5.96 -26.67 24.29
N PRO B 186 7.09 -27.39 24.35
CA PRO B 186 7.22 -28.61 23.54
C PRO B 186 6.13 -29.60 23.91
N LEU B 187 5.69 -30.37 22.92
CA LEU B 187 4.65 -31.35 23.13
C LEU B 187 4.95 -32.40 24.20
N THR B 188 4.08 -32.54 25.18
CA THR B 188 4.25 -33.54 26.25
C THR B 188 3.42 -34.73 25.80
N THR B 189 3.83 -35.94 26.17
CA THR B 189 3.06 -37.09 25.76
C THR B 189 2.54 -37.92 26.93
N ASN B 190 3.26 -37.90 28.05
CA ASN B 190 2.87 -38.63 29.28
C ASN B 190 2.44 -40.06 29.01
N THR B 191 1.65 -40.60 29.93
CA THR B 191 1.15 -41.97 29.84
C THR B 191 0.17 -42.19 28.70
N ALA B 192 -0.90 -41.38 28.69
CA ALA B 192 -1.95 -41.52 27.69
C ALA B 192 -2.14 -40.39 26.69
N GLY B 193 -1.09 -39.63 26.40
CA GLY B 193 -1.24 -38.56 25.42
C GLY B 193 -1.30 -39.18 24.03
N ALA B 194 -1.32 -38.36 22.99
CA ALA B 194 -1.31 -38.91 21.64
C ALA B 194 0.15 -38.82 21.26
N GLN B 195 0.65 -39.84 20.57
CA GLN B 195 2.05 -39.89 20.16
C GLN B 195 2.56 -38.62 19.48
N GLN B 196 1.78 -38.16 18.52
CA GLN B 196 2.13 -36.98 17.75
C GLN B 196 0.80 -36.32 17.30
N ILE B 197 0.87 -35.03 16.98
CA ILE B 197 -0.32 -34.27 16.57
C ILE B 197 -0.28 -33.73 15.15
N LYS B 198 -1.28 -34.10 14.36
CA LYS B 198 -1.38 -33.64 12.98
C LYS B 198 -2.07 -32.27 13.00
N VAL B 199 -1.45 -31.27 12.38
CA VAL B 199 -2.01 -29.92 12.35
C VAL B 199 -2.53 -29.51 10.95
N TYR B 200 -3.83 -29.21 10.86
CA TYR B 200 -4.44 -28.79 9.60
C TYR B 200 -5.01 -27.41 9.73
N ALA B 201 -5.49 -26.89 8.61
CA ALA B 201 -6.09 -25.57 8.57
C ALA B 201 -7.35 -25.60 7.71
N ASN B 202 -8.34 -24.85 8.16
CA ASN B 202 -9.59 -24.73 7.44
C ASN B 202 -9.63 -23.24 7.18
N ILE B 203 -9.59 -22.88 5.92
CA ILE B 203 -9.55 -21.47 5.56
C ILE B 203 -10.63 -21.05 4.59
N ALA B 204 -10.94 -19.76 4.63
CA ALA B 204 -11.93 -19.17 3.76
C ALA B 204 -11.46 -17.78 3.41
N PRO B 205 -11.46 -17.46 2.12
CA PRO B 205 -11.04 -16.14 1.64
C PRO B 205 -12.26 -15.26 1.92
N THR B 206 -12.10 -14.19 2.66
CA THR B 206 -13.28 -13.40 2.98
C THR B 206 -13.42 -12.13 2.20
N ASN B 207 -14.65 -11.85 1.74
CA ASN B 207 -14.92 -10.60 1.04
C ASN B 207 -14.02 -10.44 -0.20
N VAL B 208 -14.02 -11.47 -1.05
CA VAL B 208 -13.17 -11.44 -2.23
C VAL B 208 -13.66 -10.53 -3.36
N HIS B 209 -12.83 -9.57 -3.74
CA HIS B 209 -13.15 -8.64 -4.82
C HIS B 209 -12.08 -8.72 -5.88
N VAL B 210 -12.48 -8.64 -7.15
CA VAL B 210 -11.55 -8.74 -8.26
C VAL B 210 -11.80 -7.69 -9.32
N ALA B 211 -10.74 -7.28 -9.98
CA ALA B 211 -10.88 -6.26 -11.00
C ALA B 211 -9.86 -6.42 -12.12
N GLY B 212 -10.28 -6.06 -13.34
CA GLY B 212 -9.40 -6.14 -14.49
C GLY B 212 -9.31 -7.51 -15.14
N GLU B 213 -10.39 -7.88 -15.83
CA GLU B 213 -10.46 -9.16 -16.50
C GLU B 213 -9.37 -9.27 -17.56
N LEU B 214 -8.65 -10.39 -17.46
CA LEU B 214 -7.53 -10.76 -18.33
C LEU B 214 -7.99 -11.54 -19.54
N PRO B 215 -7.13 -11.64 -20.57
CA PRO B 215 -7.47 -12.38 -21.80
C PRO B 215 -7.46 -13.87 -21.49
N SER B 216 -7.87 -14.70 -22.43
CA SER B 216 -7.87 -16.12 -22.15
C SER B 216 -7.81 -17.04 -23.33
N LYS B 217 -7.05 -18.12 -23.13
CA LYS B 217 -6.80 -19.15 -24.12
C LYS B 217 -7.60 -20.44 -23.91
N GLU B 218 -8.14 -20.62 -22.70
CA GLU B 218 -8.89 -21.84 -22.35
C GLU B 218 -10.08 -21.58 -21.42
N GLY C 1 13.04 49.83 24.98
CA GLY C 1 13.57 48.68 24.23
C GLY C 1 12.85 48.50 22.91
N ILE C 2 13.36 47.59 22.10
CA ILE C 2 12.73 47.29 20.82
C ILE C 2 12.35 45.82 20.86
N PHE C 3 11.63 45.41 19.84
CA PHE C 3 11.12 44.06 19.76
C PHE C 3 12.13 42.96 19.50
N PRO C 4 12.43 42.11 20.51
CA PRO C 4 13.38 41.00 20.41
C PRO C 4 12.89 39.83 19.55
N VAL C 5 13.70 39.56 18.53
CA VAL C 5 13.51 38.53 17.52
C VAL C 5 14.64 37.50 17.45
N ALA C 6 14.29 36.28 17.06
CA ALA C 6 15.24 35.17 16.92
C ALA C 6 15.33 34.83 15.41
N CYS C 7 16.44 35.19 14.76
CA CYS C 7 16.59 34.89 13.32
C CYS C 7 16.99 33.43 13.16
N SER C 8 16.00 32.59 12.97
CA SER C 8 16.25 31.16 12.86
C SER C 8 17.12 30.69 11.69
N ASP C 9 18.09 29.84 12.01
CA ASP C 9 19.01 29.26 11.04
C ASP C 9 18.27 28.22 10.21
N GLY C 10 18.63 28.14 8.93
CA GLY C 10 17.99 27.18 8.04
C GLY C 10 16.69 27.70 7.47
N TYR C 11 16.47 28.99 7.64
CA TYR C 11 15.27 29.66 7.16
C TYR C 11 15.72 30.88 6.38
N GLY C 12 15.12 31.11 5.21
CA GLY C 12 15.47 32.28 4.44
C GLY C 12 16.17 32.02 3.13
N ASN C 13 16.73 30.82 2.99
CA ASN C 13 17.45 30.38 1.80
C ASN C 13 16.56 30.68 0.60
N MET C 14 17.17 31.21 -0.45
CA MET C 14 16.45 31.55 -1.67
C MET C 14 15.26 30.70 -2.11
N VAL C 15 15.50 29.55 -2.75
CA VAL C 15 14.42 28.65 -3.22
C VAL C 15 13.62 29.07 -4.46
N THR C 16 13.98 28.49 -5.60
CA THR C 16 13.38 28.72 -6.93
C THR C 16 11.88 28.52 -7.04
N THR C 17 11.31 27.95 -5.99
CA THR C 17 9.91 27.59 -6.00
C THR C 17 9.07 28.10 -4.81
N ASP C 18 9.62 28.96 -3.97
CA ASP C 18 8.86 29.44 -2.80
C ASP C 18 7.63 30.22 -3.17
N PRO C 19 6.60 30.12 -2.31
CA PRO C 19 5.30 30.79 -2.47
C PRO C 19 5.21 32.25 -2.00
N LYS C 20 6.32 32.96 -1.92
CA LYS C 20 6.28 34.35 -1.50
C LYS C 20 6.28 35.24 -2.74
N THR C 21 6.56 36.53 -2.53
CA THR C 21 6.59 37.49 -3.63
C THR C 21 7.64 38.54 -3.28
N ALA C 22 8.52 38.84 -4.23
CA ALA C 22 9.59 39.82 -4.00
C ALA C 22 9.03 41.22 -3.74
N ASP C 23 9.82 42.07 -3.12
CA ASP C 23 9.37 43.43 -2.88
C ASP C 23 9.34 44.10 -4.25
N PRO C 24 8.66 45.24 -4.39
CA PRO C 24 8.61 45.88 -5.71
C PRO C 24 9.44 47.15 -5.74
N ALA C 25 9.44 47.84 -6.87
CA ALA C 25 10.20 49.10 -6.98
C ALA C 25 9.61 50.10 -7.95
N TYR C 26 9.08 49.62 -9.07
CA TYR C 26 8.50 50.50 -10.09
C TYR C 26 6.99 50.32 -9.99
N GLY C 27 6.31 51.32 -9.44
CA GLY C 27 4.88 51.20 -9.27
C GLY C 27 4.02 52.21 -9.98
N LYS C 28 2.70 52.04 -9.80
CA LYS C 28 1.69 52.91 -10.38
C LYS C 28 1.63 52.76 -11.91
N VAL C 29 1.75 51.52 -12.38
CA VAL C 29 1.74 51.21 -13.82
C VAL C 29 0.40 50.56 -14.25
N TYR C 30 -0.22 51.10 -15.32
CA TYR C 30 -1.53 50.62 -15.79
C TYR C 30 -1.59 49.95 -17.15
N ASN C 31 -1.80 48.65 -17.12
CA ASN C 31 -1.85 47.81 -18.31
C ASN C 31 -2.91 48.12 -19.36
N PRO C 32 -2.55 47.96 -20.64
CA PRO C 32 -3.58 48.23 -21.63
C PRO C 32 -4.65 47.18 -21.38
N PRO C 33 -5.91 47.53 -21.63
CA PRO C 33 -7.11 46.70 -21.48
C PRO C 33 -7.15 45.49 -22.38
N ARG C 34 -7.23 44.32 -21.77
CA ARG C 34 -7.30 43.09 -22.55
C ARG C 34 -8.60 42.32 -22.31
N THR C 35 -9.70 43.05 -22.33
CA THR C 35 -11.00 42.46 -22.10
C THR C 35 -11.52 41.68 -23.27
N ALA C 36 -11.83 40.41 -23.00
CA ALA C 36 -12.38 39.50 -23.97
C ALA C 36 -11.49 39.10 -25.14
N LEU C 37 -10.25 38.74 -24.85
CA LEU C 37 -9.39 38.30 -25.92
C LEU C 37 -9.80 36.86 -26.16
N PRO C 38 -10.03 36.49 -27.44
CA PRO C 38 -10.45 35.13 -27.78
C PRO C 38 -9.47 34.06 -27.35
N GLY C 39 -10.01 32.86 -27.22
CA GLY C 39 -9.23 31.68 -26.91
C GLY C 39 -8.44 31.55 -25.64
N ARG C 40 -8.89 32.15 -24.54
CA ARG C 40 -8.15 31.99 -23.32
C ARG C 40 -8.35 30.58 -22.76
N PHE C 41 -7.33 30.05 -22.11
CA PHE C 41 -7.44 28.76 -21.47
C PHE C 41 -6.90 28.96 -20.06
N THR C 42 -7.53 28.23 -19.14
CA THR C 42 -7.22 28.35 -17.73
C THR C 42 -6.43 27.23 -17.11
N ASN C 43 -6.62 26.02 -17.63
CA ASN C 43 -5.94 24.83 -17.13
C ASN C 43 -5.66 23.95 -18.34
N TYR C 44 -4.43 23.51 -18.50
CA TYR C 44 -4.05 22.72 -19.67
C TYR C 44 -4.98 21.56 -20.00
N LEU C 45 -5.25 20.73 -18.99
CA LEU C 45 -6.13 19.57 -19.13
C LEU C 45 -7.49 19.82 -19.80
N ASP C 46 -7.92 21.08 -19.89
CA ASP C 46 -9.20 21.43 -20.53
C ASP C 46 -8.99 21.26 -22.02
N VAL C 47 -7.92 21.87 -22.54
CA VAL C 47 -7.61 21.78 -23.96
C VAL C 47 -7.35 20.31 -24.27
N ALA C 48 -6.72 19.61 -23.32
CA ALA C 48 -6.40 18.21 -23.46
C ALA C 48 -7.64 17.32 -23.58
N GLU C 49 -8.76 17.77 -23.02
CA GLU C 49 -10.01 17.02 -23.10
C GLU C 49 -10.72 17.39 -24.42
N ALA C 50 -10.70 18.68 -24.71
CA ALA C 50 -11.35 19.27 -25.87
C ALA C 50 -10.77 18.95 -27.22
N CYS C 51 -9.44 18.86 -27.30
CA CYS C 51 -8.77 18.58 -28.56
C CYS C 51 -7.96 17.29 -28.53
N PRO C 52 -8.45 16.25 -29.22
CA PRO C 52 -7.70 14.99 -29.21
C PRO C 52 -6.63 15.11 -30.31
N THR C 53 -5.41 14.68 -29.99
CA THR C 53 -4.32 14.72 -30.95
C THR C 53 -4.10 13.32 -31.49
N PHE C 54 -3.24 13.16 -32.48
CA PHE C 54 -3.04 11.83 -33.09
C PHE C 54 -1.99 10.88 -32.55
N LEU C 55 -2.31 9.60 -32.66
CA LEU C 55 -1.37 8.58 -32.27
C LEU C 55 -0.47 8.34 -33.47
N MET C 56 0.61 7.59 -33.29
CA MET C 56 1.52 7.34 -34.40
C MET C 56 1.93 5.88 -34.55
N PHE C 57 1.92 5.43 -35.80
CA PHE C 57 2.28 4.06 -36.15
C PHE C 57 3.28 4.14 -37.30
N GLU C 58 4.53 4.44 -36.96
CA GLU C 58 5.59 4.59 -37.95
C GLU C 58 5.19 5.70 -38.85
N ASN C 59 5.57 6.92 -38.49
CA ASN C 59 5.25 8.10 -39.27
C ASN C 59 3.78 8.42 -39.64
N VAL C 60 2.82 7.52 -39.39
CA VAL C 60 1.42 7.85 -39.69
C VAL C 60 0.42 7.73 -38.53
N PRO C 61 -0.63 8.59 -38.56
CA PRO C 61 -1.72 8.69 -37.58
C PRO C 61 -2.78 7.60 -37.75
N TYR C 62 -2.92 7.06 -38.95
CA TYR C 62 -3.92 6.04 -39.18
C TYR C 62 -3.37 4.66 -39.08
N VAL C 63 -4.29 3.71 -39.25
CA VAL C 63 -3.99 2.30 -39.25
C VAL C 63 -4.62 1.87 -40.56
N SER C 64 -3.97 0.91 -41.22
CA SER C 64 -4.44 0.45 -42.50
C SER C 64 -4.88 -1.00 -42.53
N THR C 65 -6.05 -1.19 -43.10
CA THR C 65 -6.65 -2.50 -43.24
C THR C 65 -5.69 -3.37 -44.06
N ARG C 66 -4.97 -4.28 -43.42
CA ARG C 66 -4.07 -5.10 -44.21
C ARG C 66 -4.91 -5.88 -45.25
N THR C 67 -5.71 -6.83 -44.76
CA THR C 67 -6.57 -7.61 -45.64
C THR C 67 -7.76 -8.08 -44.80
N ASP C 68 -8.81 -8.52 -45.48
CA ASP C 68 -10.04 -9.01 -44.86
C ASP C 68 -9.77 -10.11 -43.79
N GLY C 69 -10.59 -10.18 -42.75
CA GLY C 69 -10.40 -11.19 -41.72
C GLY C 69 -9.86 -10.69 -40.37
N GLN C 70 -9.70 -11.63 -39.44
CA GLN C 70 -9.23 -11.39 -38.07
C GLN C 70 -7.82 -10.80 -37.86
N ARG C 71 -7.52 -9.64 -38.41
CA ARG C 71 -6.17 -9.11 -38.23
C ARG C 71 -6.01 -8.19 -37.03
N LEU C 72 -4.85 -8.23 -36.37
CA LEU C 72 -4.60 -7.32 -35.24
C LEU C 72 -3.99 -6.04 -35.82
N LEU C 73 -4.80 -5.00 -35.95
CA LEU C 73 -4.39 -3.72 -36.52
C LEU C 73 -3.36 -2.93 -35.73
N ALA C 74 -3.40 -3.02 -34.41
CA ALA C 74 -2.44 -2.29 -33.58
C ALA C 74 -2.48 -2.82 -32.15
N LYS C 75 -1.41 -2.56 -31.40
CA LYS C 75 -1.34 -2.99 -30.02
C LYS C 75 -0.24 -2.17 -29.38
N PHE C 76 -0.51 -1.63 -28.21
CA PHE C 76 0.48 -0.80 -27.55
C PHE C 76 0.34 -0.61 -26.07
N ASP C 77 1.46 -0.12 -25.55
CA ASP C 77 1.69 0.16 -24.14
C ASP C 77 0.83 1.30 -23.63
N VAL C 78 0.35 1.13 -22.41
CA VAL C 78 -0.47 2.13 -21.78
C VAL C 78 0.43 2.93 -20.84
N SER C 79 1.20 3.85 -21.43
CA SER C 79 2.09 4.74 -20.69
C SER C 79 2.12 6.02 -21.53
N LEU C 80 2.34 7.17 -20.89
CA LEU C 80 2.39 8.40 -21.66
C LEU C 80 3.72 8.54 -22.38
N ALA C 81 4.57 7.54 -22.19
CA ALA C 81 5.88 7.45 -22.80
C ALA C 81 5.80 6.69 -24.11
N ALA C 82 4.84 5.78 -24.19
CA ALA C 82 4.63 4.95 -25.38
C ALA C 82 4.98 5.62 -26.70
N LYS C 83 5.59 4.83 -27.57
CA LYS C 83 6.01 5.30 -28.87
C LYS C 83 4.82 5.85 -29.65
N HIS C 84 3.66 5.22 -29.50
CA HIS C 84 2.51 5.66 -30.26
C HIS C 84 1.94 7.01 -29.83
N MET C 85 2.19 7.35 -28.56
CA MET C 85 1.75 8.64 -28.05
C MET C 85 2.69 9.66 -28.68
N SER C 86 3.90 9.76 -28.12
CA SER C 86 4.97 10.62 -28.64
C SER C 86 4.64 11.95 -29.31
N ASN C 87 3.84 11.92 -30.37
CA ASN C 87 3.43 13.14 -31.07
C ASN C 87 2.13 13.71 -30.45
N THR C 88 1.64 12.98 -29.47
CA THR C 88 0.42 13.27 -28.75
C THR C 88 0.54 14.40 -27.68
N TYR C 89 -0.40 15.35 -27.74
CA TYR C 89 -0.46 16.49 -26.80
C TYR C 89 -0.44 15.98 -25.36
N LEU C 90 -1.25 14.98 -25.13
CA LEU C 90 -1.36 14.38 -23.82
C LEU C 90 0.01 14.00 -23.29
N ALA C 91 0.83 13.36 -24.12
CA ALA C 91 2.15 12.93 -23.69
C ALA C 91 3.09 14.11 -23.54
N GLY C 92 3.01 15.04 -24.49
CA GLY C 92 3.85 16.22 -24.45
C GLY C 92 3.62 17.00 -23.17
N LEU C 93 2.43 16.83 -22.63
CA LEU C 93 2.02 17.51 -21.41
C LEU C 93 2.45 16.70 -20.19
N ALA C 94 2.06 15.43 -20.19
CA ALA C 94 2.35 14.52 -19.09
C ALA C 94 3.83 14.47 -18.73
N GLN C 95 4.66 14.84 -19.69
CA GLN C 95 6.10 14.81 -19.49
C GLN C 95 6.61 15.70 -18.37
N TYR C 96 5.72 16.49 -17.76
CA TYR C 96 6.14 17.38 -16.69
C TYR C 96 5.56 17.09 -15.31
N TYR C 97 5.03 15.89 -15.15
CA TYR C 97 4.44 15.47 -13.89
C TYR C 97 4.93 14.07 -13.68
N THR C 98 5.15 13.68 -12.43
CA THR C 98 5.63 12.33 -12.16
C THR C 98 4.49 11.32 -12.22
N GLN C 99 3.37 11.65 -11.55
CA GLN C 99 2.19 10.78 -11.46
C GLN C 99 0.94 11.21 -12.28
N TYR C 100 -0.06 10.33 -12.28
CA TYR C 100 -1.35 10.57 -12.95
C TYR C 100 -2.39 9.49 -12.54
N THR C 101 -3.65 9.70 -12.91
CA THR C 101 -4.76 8.77 -12.65
C THR C 101 -5.78 9.21 -13.65
N GLY C 102 -6.74 8.36 -13.98
CA GLY C 102 -7.71 8.87 -14.91
C GLY C 102 -8.01 8.03 -16.10
N THR C 103 -9.01 8.49 -16.84
CA THR C 103 -9.49 7.81 -18.02
C THR C 103 -8.89 8.46 -19.24
N ILE C 104 -8.51 7.66 -20.23
CA ILE C 104 -7.97 8.22 -21.46
C ILE C 104 -8.89 7.83 -22.61
N ASN C 105 -9.16 8.76 -23.50
CA ASN C 105 -10.06 8.49 -24.60
C ASN C 105 -9.38 8.27 -25.93
N LEU C 106 -9.80 7.20 -26.60
CA LEU C 106 -9.29 6.82 -27.91
C LEU C 106 -10.38 7.11 -28.94
N HIS C 107 -9.99 7.67 -30.07
CA HIS C 107 -10.97 8.01 -31.08
C HIS C 107 -10.58 7.40 -32.40
N PHE C 108 -11.51 6.70 -33.04
CA PHE C 108 -11.27 6.03 -34.31
C PHE C 108 -12.13 6.52 -35.44
N MET C 109 -11.56 7.35 -36.31
CA MET C 109 -12.32 7.86 -37.46
C MET C 109 -12.01 7.12 -38.76
N PHE C 110 -13.00 6.38 -39.26
CA PHE C 110 -12.87 5.63 -40.51
C PHE C 110 -12.99 6.57 -41.70
N THR C 111 -11.95 6.54 -42.52
CA THR C 111 -11.78 7.38 -43.68
C THR C 111 -12.16 6.79 -45.06
N GLY C 112 -12.50 5.51 -45.07
CA GLY C 112 -12.85 4.81 -46.29
C GLY C 112 -13.95 5.40 -47.15
N PRO C 113 -14.15 4.83 -48.35
CA PRO C 113 -15.17 5.26 -49.30
C PRO C 113 -16.52 4.69 -48.91
N THR C 114 -17.56 5.26 -49.49
CA THR C 114 -18.92 4.84 -49.20
C THR C 114 -19.21 3.34 -49.41
N ASP C 115 -18.46 2.68 -50.29
CA ASP C 115 -18.64 1.25 -50.58
C ASP C 115 -17.73 0.35 -49.71
N ALA C 116 -16.98 0.96 -48.81
CA ALA C 116 -16.07 0.21 -47.96
C ALA C 116 -16.63 0.03 -46.57
N LYS C 117 -16.88 -1.21 -46.18
CA LYS C 117 -17.41 -1.48 -44.85
C LYS C 117 -16.50 -2.38 -44.04
N ALA C 118 -16.45 -2.14 -42.74
CA ALA C 118 -15.61 -2.92 -41.84
C ALA C 118 -16.20 -3.02 -40.43
N ARG C 119 -15.65 -3.90 -39.60
CA ARG C 119 -16.11 -4.06 -38.22
C ARG C 119 -14.85 -4.19 -37.36
N TYR C 120 -14.76 -3.42 -36.29
CA TYR C 120 -13.57 -3.47 -35.43
C TYR C 120 -13.85 -3.80 -34.00
N MET C 121 -12.78 -4.07 -33.27
CA MET C 121 -12.86 -4.39 -31.86
C MET C 121 -11.66 -3.74 -31.22
N VAL C 122 -11.85 -3.23 -30.01
CA VAL C 122 -10.77 -2.61 -29.25
C VAL C 122 -10.92 -3.13 -27.82
N ALA C 123 -9.80 -3.48 -27.19
CA ALA C 123 -9.84 -3.99 -25.83
C ALA C 123 -8.69 -3.42 -25.05
N TYR C 124 -8.81 -3.52 -23.73
CA TYR C 124 -7.79 -3.04 -22.81
C TYR C 124 -7.34 -4.29 -22.11
N VAL C 125 -6.09 -4.66 -22.37
CA VAL C 125 -5.52 -5.84 -21.76
C VAL C 125 -4.75 -5.49 -20.51
N PRO C 126 -5.34 -5.78 -19.34
CA PRO C 126 -4.62 -5.47 -18.12
C PRO C 126 -3.43 -6.41 -18.02
N PRO C 127 -2.37 -5.97 -17.34
CA PRO C 127 -1.16 -6.78 -17.18
C PRO C 127 -1.43 -8.06 -16.37
N GLY C 128 -0.63 -9.09 -16.66
CA GLY C 128 -0.76 -10.36 -15.95
C GLY C 128 -0.66 -11.52 -16.90
N MET C 129 -0.84 -11.20 -18.17
CA MET C 129 -0.79 -12.17 -19.24
C MET C 129 -0.07 -11.45 -20.33
N ASP C 130 -0.10 -12.00 -21.54
CA ASP C 130 0.52 -11.35 -22.66
C ASP C 130 -0.60 -10.96 -23.58
N ALA C 131 -0.49 -9.77 -24.13
CA ALA C 131 -1.50 -9.24 -25.05
C ALA C 131 -1.85 -10.26 -26.14
N PRO C 132 -3.11 -10.70 -26.18
CA PRO C 132 -3.57 -11.68 -27.18
C PRO C 132 -3.49 -11.08 -28.58
N ASP C 133 -3.19 -11.93 -29.54
CA ASP C 133 -3.04 -11.50 -30.93
C ASP C 133 -4.29 -11.72 -31.78
N ASN C 134 -5.35 -12.20 -31.15
CA ASN C 134 -6.60 -12.46 -31.86
C ASN C 134 -7.78 -12.17 -30.97
N PRO C 135 -8.85 -11.63 -31.55
CA PRO C 135 -10.05 -11.30 -30.80
C PRO C 135 -10.52 -12.35 -29.79
N GLU C 136 -10.80 -13.57 -30.24
CA GLU C 136 -11.32 -14.57 -29.30
C GLU C 136 -10.60 -14.73 -27.96
N GLU C 137 -9.34 -14.34 -27.89
CA GLU C 137 -8.59 -14.43 -26.64
C GLU C 137 -8.79 -13.12 -25.89
N ALA C 138 -8.89 -12.05 -26.65
CA ALA C 138 -9.06 -10.68 -26.15
C ALA C 138 -10.50 -10.38 -25.78
N ALA C 139 -11.40 -11.20 -26.32
CA ALA C 139 -12.83 -11.08 -26.10
C ALA C 139 -13.16 -11.19 -24.60
N HIS C 140 -12.18 -11.61 -23.82
CA HIS C 140 -12.40 -11.74 -22.41
C HIS C 140 -12.04 -10.54 -21.58
N CYS C 141 -11.47 -9.52 -22.21
CA CYS C 141 -11.12 -8.32 -21.47
C CYS C 141 -12.20 -7.33 -21.77
N ILE C 142 -12.10 -6.18 -21.10
CA ILE C 142 -13.04 -5.09 -21.30
C ILE C 142 -12.81 -4.71 -22.77
N HIS C 143 -13.81 -4.93 -23.62
CA HIS C 143 -13.68 -4.61 -25.04
C HIS C 143 -14.94 -3.99 -25.63
N ALA C 144 -14.87 -3.60 -26.88
CA ALA C 144 -16.01 -3.00 -27.55
C ALA C 144 -15.86 -3.20 -29.03
N GLU C 145 -16.89 -3.76 -29.65
CA GLU C 145 -16.89 -4.01 -31.08
C GLU C 145 -17.78 -2.95 -31.72
N TRP C 146 -17.61 -2.69 -33.02
CA TRP C 146 -18.41 -1.66 -33.70
C TRP C 146 -18.20 -1.64 -35.22
N ASP C 147 -19.26 -1.36 -35.99
CA ASP C 147 -19.09 -1.34 -37.45
C ASP C 147 -19.09 0.08 -38.04
N THR C 148 -18.84 0.19 -39.34
CA THR C 148 -18.84 1.51 -39.99
C THR C 148 -20.25 1.85 -40.44
N GLY C 149 -20.51 3.15 -40.61
CA GLY C 149 -21.82 3.60 -41.04
C GLY C 149 -21.77 5.10 -41.28
N LEU C 150 -22.90 5.77 -41.07
CA LEU C 150 -22.99 7.21 -41.26
C LEU C 150 -21.96 7.92 -40.37
N ASN C 151 -21.85 7.43 -39.15
CA ASN C 151 -20.93 8.01 -38.18
C ASN C 151 -19.50 7.55 -38.34
N SER C 152 -18.66 8.47 -38.79
CA SER C 152 -17.25 8.23 -39.01
C SER C 152 -16.49 7.86 -37.73
N LYS C 153 -16.71 8.63 -36.67
CA LYS C 153 -16.02 8.47 -35.38
C LYS C 153 -16.65 7.55 -34.32
N PHE C 154 -15.80 7.00 -33.47
CA PHE C 154 -16.19 6.13 -32.37
C PHE C 154 -15.17 6.44 -31.28
N THR C 155 -15.66 6.76 -30.09
CA THR C 155 -14.75 7.07 -29.01
C THR C 155 -14.84 5.94 -28.02
N PHE C 156 -13.77 5.74 -27.24
CA PHE C 156 -13.71 4.67 -26.26
C PHE C 156 -12.74 5.06 -25.14
N SER C 157 -13.18 4.84 -23.89
CA SER C 157 -12.38 5.19 -22.69
C SER C 157 -11.50 4.06 -22.17
N ILE C 158 -10.25 4.39 -21.84
CA ILE C 158 -9.29 3.42 -21.31
C ILE C 158 -9.24 3.65 -19.81
N PRO C 159 -9.83 2.72 -19.05
CA PRO C 159 -9.95 2.69 -17.59
C PRO C 159 -8.69 2.64 -16.77
N TYR C 160 -8.64 3.45 -15.73
CA TYR C 160 -7.51 3.41 -14.85
C TYR C 160 -7.79 2.24 -13.87
N ILE C 161 -7.12 1.11 -14.04
CA ILE C 161 -7.28 -0.05 -13.16
C ILE C 161 -5.85 -0.46 -12.75
N SER C 162 -5.39 0.05 -11.61
CA SER C 162 -4.04 -0.21 -11.12
C SER C 162 -4.07 -0.53 -9.63
N ALA C 163 -2.97 -1.04 -9.09
CA ALA C 163 -2.92 -1.36 -7.68
C ALA C 163 -2.95 -0.09 -6.83
N ALA C 164 -2.11 0.88 -7.22
CA ALA C 164 -2.04 2.15 -6.50
C ALA C 164 -3.03 3.13 -7.06
N ASP C 165 -3.26 4.21 -6.31
CA ASP C 165 -4.20 5.22 -6.70
C ASP C 165 -3.66 6.12 -7.78
N TYR C 166 -2.34 6.22 -7.84
CA TYR C 166 -1.69 7.02 -8.87
C TYR C 166 -0.66 6.15 -9.54
N THR C 167 -0.19 6.60 -10.70
CA THR C 167 0.84 5.88 -11.42
C THR C 167 1.78 6.86 -12.10
N TYR C 168 2.94 6.37 -12.55
CA TYR C 168 3.90 7.23 -13.18
C TYR C 168 3.66 7.48 -14.68
N THR C 169 3.92 8.71 -15.07
CA THR C 169 3.80 9.13 -16.46
C THR C 169 5.07 8.55 -17.07
N ALA C 170 6.16 8.73 -16.31
CA ALA C 170 7.51 8.29 -16.65
C ALA C 170 7.61 6.77 -16.75
N SER C 171 8.65 6.26 -17.40
CA SER C 171 8.82 4.81 -17.51
C SER C 171 10.17 4.40 -16.97
N HIS C 172 10.17 3.48 -16.01
CA HIS C 172 11.42 3.03 -15.42
C HIS C 172 12.14 2.03 -16.31
N GLU C 173 13.46 2.01 -16.19
CA GLU C 173 14.35 1.14 -16.94
C GLU C 173 14.06 -0.31 -16.58
N ALA C 174 13.87 -0.56 -15.30
CA ALA C 174 13.59 -1.90 -14.78
C ALA C 174 12.28 -2.52 -15.29
N GLU C 175 11.38 -1.70 -15.83
CA GLU C 175 10.10 -2.21 -16.33
C GLU C 175 10.29 -2.78 -17.73
N THR C 176 10.05 -4.08 -17.90
CA THR C 176 10.17 -4.73 -19.21
C THR C 176 8.85 -4.50 -19.94
N THR C 177 7.77 -4.87 -19.25
CA THR C 177 6.39 -4.76 -19.72
C THR C 177 5.80 -3.42 -19.25
N CYS C 178 4.86 -2.86 -20.01
CA CYS C 178 4.20 -1.58 -19.66
C CYS C 178 3.37 -1.80 -18.40
N VAL C 179 3.84 -1.25 -17.29
CA VAL C 179 3.16 -1.39 -16.00
C VAL C 179 1.64 -1.40 -16.03
N GLN C 180 1.04 -0.68 -16.98
CA GLN C 180 -0.41 -0.57 -17.06
C GLN C 180 -1.12 -1.33 -18.17
N GLY C 181 -0.54 -2.43 -18.65
CA GLY C 181 -1.18 -3.20 -19.70
C GLY C 181 -1.08 -2.55 -21.08
N TRP C 182 -1.91 -3.01 -22.00
CA TRP C 182 -1.91 -2.48 -23.35
C TRP C 182 -3.34 -2.42 -23.82
N VAL C 183 -3.48 -1.84 -25.00
CA VAL C 183 -4.76 -1.73 -25.66
C VAL C 183 -4.43 -2.24 -27.06
N CYS C 184 -5.15 -3.25 -27.51
CA CYS C 184 -4.93 -3.79 -28.85
C CYS C 184 -6.21 -3.51 -29.61
N VAL C 185 -6.06 -3.16 -30.87
CA VAL C 185 -7.24 -2.89 -31.67
C VAL C 185 -7.15 -3.83 -32.86
N TYR C 186 -8.22 -4.57 -33.08
CA TYR C 186 -8.29 -5.54 -34.15
C TYR C 186 -9.20 -5.05 -35.24
N GLN C 187 -9.46 -5.94 -36.17
CA GLN C 187 -10.39 -5.74 -37.27
C GLN C 187 -11.07 -7.08 -37.16
N ILE C 188 -12.35 -7.14 -37.43
CA ILE C 188 -13.01 -8.42 -37.32
C ILE C 188 -13.15 -8.95 -38.75
N THR C 189 -13.55 -8.07 -39.66
CA THR C 189 -13.72 -8.42 -41.07
C THR C 189 -13.88 -7.11 -41.80
N HIS C 190 -14.12 -7.21 -43.10
CA HIS C 190 -14.40 -6.06 -43.93
C HIS C 190 -14.74 -6.58 -45.30
N GLY C 191 -14.99 -5.66 -46.22
CA GLY C 191 -15.31 -6.04 -47.58
C GLY C 191 -15.03 -4.77 -48.34
N LYS C 192 -14.22 -4.86 -49.40
CA LYS C 192 -13.89 -3.68 -50.19
C LYS C 192 -13.25 -2.59 -49.31
N ALA C 193 -12.85 -2.97 -48.11
CA ALA C 193 -12.26 -2.03 -47.17
C ALA C 193 -10.75 -2.02 -47.07
N ASP C 194 -10.11 -2.96 -47.78
CA ASP C 194 -8.65 -3.05 -47.78
C ASP C 194 -8.05 -1.76 -48.29
N ALA C 195 -6.88 -1.41 -47.76
CA ALA C 195 -6.17 -0.19 -48.12
C ALA C 195 -6.61 0.98 -47.25
N ASP C 196 -7.91 1.05 -46.98
CA ASP C 196 -8.53 2.14 -46.22
C ASP C 196 -8.05 2.44 -44.80
N ALA C 197 -7.96 3.76 -44.54
CA ALA C 197 -7.44 4.31 -43.28
C ALA C 197 -8.40 4.54 -42.12
N LEU C 198 -7.96 4.12 -40.94
CA LEU C 198 -8.73 4.30 -39.71
C LEU C 198 -7.91 5.17 -38.75
N VAL C 199 -7.85 6.47 -39.04
CA VAL C 199 -7.08 7.40 -38.23
C VAL C 199 -7.48 7.51 -36.75
N VAL C 200 -6.51 7.38 -35.85
CA VAL C 200 -6.80 7.46 -34.42
C VAL C 200 -6.10 8.56 -33.62
N SER C 201 -6.88 9.14 -32.72
CA SER C 201 -6.42 10.21 -31.87
C SER C 201 -6.79 9.89 -30.43
N ALA C 202 -6.22 10.64 -29.50
CA ALA C 202 -6.49 10.44 -28.08
C ALA C 202 -6.63 11.77 -27.35
N SER C 203 -7.64 11.84 -26.48
CA SER C 203 -7.90 13.02 -25.67
C SER C 203 -7.96 12.57 -24.20
N ALA C 204 -7.89 13.55 -23.30
CA ALA C 204 -7.93 13.29 -21.87
C ALA C 204 -9.39 13.01 -21.49
N GLY C 205 -9.57 12.10 -20.54
CA GLY C 205 -10.89 11.74 -20.08
C GLY C 205 -11.36 12.72 -19.02
N LYS C 206 -12.61 12.60 -18.59
CA LYS C 206 -13.15 13.51 -17.59
C LYS C 206 -12.43 13.51 -16.24
N ASP C 207 -12.22 12.30 -15.69
CA ASP C 207 -11.57 12.13 -14.40
C ASP C 207 -10.05 11.98 -14.48
N PHE C 208 -9.49 12.30 -15.65
CA PHE C 208 -8.04 12.19 -15.87
C PHE C 208 -7.34 13.32 -15.15
N GLU C 209 -6.34 12.98 -14.35
CA GLU C 209 -5.61 13.96 -13.56
C GLU C 209 -4.09 13.88 -13.67
N LEU C 210 -3.43 15.03 -13.66
CA LEU C 210 -1.96 15.08 -13.72
C LEU C 210 -1.48 15.77 -12.47
N ARG C 211 -0.51 15.16 -11.79
CA ARG C 211 0.00 15.73 -10.55
C ARG C 211 1.48 15.59 -10.30
N LEU C 212 2.02 16.50 -9.50
CA LEU C 212 3.43 16.52 -9.13
C LEU C 212 4.32 16.98 -10.28
N PRO C 213 4.32 18.28 -10.55
CA PRO C 213 5.13 18.85 -11.62
C PRO C 213 6.63 18.64 -11.41
N VAL C 214 7.31 18.29 -12.50
CA VAL C 214 8.73 18.02 -12.46
C VAL C 214 9.38 18.54 -13.73
N ASP C 215 10.64 18.93 -13.62
CA ASP C 215 11.41 19.44 -14.74
C ASP C 215 12.65 18.55 -14.95
N ALA C 216 12.45 17.53 -15.77
CA ALA C 216 13.52 16.61 -16.11
C ALA C 216 13.46 16.75 -17.60
N ARG C 217 14.57 17.11 -18.19
CA ARG C 217 14.68 17.30 -19.63
C ARG C 217 16.09 17.79 -19.78
N GLN C 218 16.46 18.27 -20.96
CA GLN C 218 17.81 18.78 -21.10
C GLN C 218 18.04 20.01 -20.25
N GLN C 219 18.07 21.21 -20.83
CA GLN C 219 18.25 22.37 -19.97
C GLN C 219 16.94 23.03 -19.45
N SER D 15 -0.11 18.76 17.59
CA SER D 15 -0.25 17.32 17.19
C SER D 15 0.99 16.58 17.65
N GLY D 16 2.10 16.77 16.93
CA GLY D 16 3.33 16.12 17.29
C GLY D 16 4.14 17.05 18.17
N ASN D 17 5.45 17.00 18.01
CA ASN D 17 6.31 17.88 18.79
C ASN D 17 6.24 19.24 18.10
N THR D 18 5.19 19.98 18.40
CA THR D 18 4.95 21.29 17.82
C THR D 18 4.28 22.13 18.89
N GLY D 19 4.80 23.32 19.15
CA GLY D 19 4.25 24.18 20.17
C GLY D 19 4.29 25.68 19.95
N SER D 20 3.92 26.12 18.75
CA SER D 20 3.88 27.55 18.46
C SER D 20 2.45 27.89 18.80
N ILE D 21 2.22 29.01 19.46
CA ILE D 21 0.83 29.35 19.75
C ILE D 21 0.19 30.06 18.56
N ILE D 22 0.99 30.80 17.79
CA ILE D 22 0.46 31.50 16.63
C ILE D 22 0.46 30.58 15.42
N ASN D 23 -0.56 30.74 14.58
CA ASN D 23 -0.71 29.92 13.39
C ASN D 23 0.34 30.17 12.33
N ASN D 24 0.56 29.15 11.51
CA ASN D 24 1.56 29.21 10.44
C ASN D 24 1.33 30.42 9.56
N TYR D 25 2.42 31.04 9.13
CA TYR D 25 2.32 32.18 8.25
C TYR D 25 1.87 31.69 6.86
N TYR D 26 2.19 30.45 6.54
CA TYR D 26 1.84 29.87 5.24
C TYR D 26 0.53 29.11 5.31
N MET D 27 -0.17 29.04 4.19
CA MET D 27 -1.44 28.32 4.16
C MET D 27 -1.16 26.87 4.43
N GLN D 28 -2.13 26.19 5.01
CA GLN D 28 -1.94 24.77 5.31
C GLN D 28 -1.89 23.92 4.02
N GLN D 29 -2.36 24.49 2.93
CA GLN D 29 -2.36 23.82 1.64
C GLN D 29 -0.94 23.68 1.08
N TYR D 30 -0.04 24.52 1.58
CA TYR D 30 1.35 24.52 1.18
C TYR D 30 2.24 23.88 2.22
N GLN D 31 1.92 24.12 3.49
CA GLN D 31 2.70 23.54 4.57
C GLN D 31 2.60 22.02 4.57
N ASN D 32 1.42 21.50 4.27
CA ASN D 32 1.28 20.07 4.29
C ASN D 32 0.64 19.51 3.05
N SER D 33 0.50 18.21 3.07
CA SER D 33 -0.12 17.50 2.00
C SER D 33 -1.55 17.44 2.52
N MET D 34 -2.51 17.52 1.62
CA MET D 34 -3.91 17.48 2.01
C MET D 34 -4.36 16.03 1.83
N ASP D 35 -5.10 15.50 2.81
CA ASP D 35 -5.56 14.11 2.69
C ASP D 35 -6.93 14.13 2.06
N THR D 36 -7.29 13.04 1.41
CA THR D 36 -8.63 12.96 0.86
C THR D 36 -9.23 11.79 1.59
N GLN D 37 -10.55 11.78 1.65
CA GLN D 37 -11.28 10.72 2.32
C GLN D 37 -12.07 9.96 1.28
N LEU D 38 -12.40 8.72 1.61
CA LEU D 38 -13.19 7.86 0.73
C LEU D 38 -13.89 6.88 1.66
N GLY D 39 -15.21 6.86 1.59
CA GLY D 39 -15.99 5.97 2.42
C GLY D 39 -17.46 6.31 2.33
N ASN D 65 -10.51 8.29 15.32
CA ASN D 65 -10.21 7.42 16.51
C ASN D 65 -10.03 5.95 16.08
N ASP D 66 -8.90 5.35 16.48
CA ASP D 66 -8.57 3.96 16.11
C ASP D 66 -7.89 2.97 17.11
N TRP D 67 -8.21 1.73 16.71
CA TRP D 67 -7.93 0.36 17.17
C TRP D 67 -7.26 -0.14 18.41
N PHE D 68 -5.94 -0.13 18.44
CA PHE D 68 -5.26 -0.60 19.64
C PHE D 68 -5.75 0.15 20.85
N SER D 69 -6.07 1.41 20.60
CA SER D 69 -6.61 2.27 21.61
C SER D 69 -7.87 1.57 22.18
N LYS D 70 -8.79 1.17 21.30
CA LYS D 70 -10.05 0.51 21.64
C LYS D 70 -9.83 -0.83 22.31
N LEU D 71 -8.92 -1.58 21.72
CA LEU D 71 -8.54 -2.90 22.16
C LEU D 71 -7.93 -2.95 23.58
N ALA D 72 -7.14 -1.93 23.90
CA ALA D 72 -6.49 -1.83 25.19
C ALA D 72 -7.51 -1.74 26.29
N SER D 73 -8.55 -0.94 26.00
CA SER D 73 -9.66 -0.67 26.91
C SER D 73 -10.61 -1.84 27.13
N SER D 74 -10.82 -2.64 26.10
CA SER D 74 -11.70 -3.80 26.20
C SER D 74 -11.11 -4.93 27.08
N ALA D 75 -10.01 -4.63 27.77
CA ALA D 75 -9.33 -5.59 28.62
C ALA D 75 -10.11 -5.91 29.89
N PHE D 76 -10.24 -7.21 30.15
CA PHE D 76 -10.91 -7.72 31.34
C PHE D 76 -10.01 -7.37 32.55
N SER D 77 -10.60 -6.83 33.62
CA SER D 77 -9.86 -6.43 34.82
C SER D 77 -10.46 -6.88 36.15
N GLY D 78 -11.51 -7.69 36.09
CA GLY D 78 -12.17 -8.18 37.30
C GLY D 78 -11.47 -9.27 38.08
N LEU D 79 -12.18 -10.39 38.28
CA LEU D 79 -11.63 -11.53 39.04
C LEU D 79 -12.03 -12.91 38.50
N PHE D 80 -13.21 -13.00 37.87
CA PHE D 80 -13.75 -14.25 37.29
C PHE D 80 -14.17 -15.28 38.37
N GLY D 81 -13.68 -15.15 39.60
CA GLY D 81 -14.04 -16.09 40.64
C GLY D 81 -15.28 -15.75 41.45
N ALA D 82 -15.09 -15.74 42.77
CA ALA D 82 -16.11 -15.41 43.78
C ALA D 82 -15.22 -15.02 44.96
N LEU D 83 -15.25 -13.75 45.36
CA LEU D 83 -14.40 -13.22 46.43
C LEU D 83 -14.87 -13.33 47.90
N LEU D 84 -13.97 -13.71 48.79
CA LEU D 84 -14.26 -13.84 50.22
C LEU D 84 -13.40 -12.82 50.98
N ALA D 85 -14.02 -12.15 51.94
CA ALA D 85 -13.40 -11.14 52.80
C ALA D 85 -13.14 -9.80 52.09
#